data_8SO8
#
_entry.id   8SO8
#
_cell.length_a   122.421
_cell.length_b   122.421
_cell.length_c   187.795
_cell.angle_alpha   90.00
_cell.angle_beta   90.00
_cell.angle_gamma   90.00
#
_symmetry.space_group_name_H-M   'P 43 21 2'
#
loop_
_entity.id
_entity.type
_entity.pdbx_description
1 polymer 'RNA polymerase-associated protein RapA'
2 non-polymer 'SULFATE ION'
3 non-polymer 'CHLORIDE ION'
4 water water
#
_entity_poly.entity_id   1
_entity_poly.type   'polypeptide(L)'
_entity_poly.pdbx_seq_one_letter_code
;HHHHHHFSKPQDRLFAGQIDRMDRFALRYRARKYSSEQFRMPYSGLRGQRTSLIPHQLNIAHDVGRRHAPRVLLADEVGL
GKTIEAGMILHQQLLSGAAERVLIIVPETLQHQWLVEMLRRFNLRFALFDDERYAEAQHDAYNPFDTEQLVICSLDFARR
SKQRLEHLCEAEWDLLVVDEAHHLVWSEDAPSREYQAIEQLAEHVPGVLLLTATPEQLGMESHFARLRLLDPNRFHDFAQ
FVEEQKNYRPVADAVAMLLAGNKLSNDELNMLGEMIGEQDIEPLLQAANSDSEDAQSARQELVSMLMDRHGTSRVLFRNT
RNGVKGFPKRELHTIKLPLPTQYQTAIKVSGIMGARKSAEDRARDMLYPERIYQEFEGDNATWWNFDPRVEWLMGYLTSH
RSQKVLVICAKAATALQLEQVLREREGIRAAVFHEGMSIIERDRAAAWFAEEDTGAQVLLCSEIGSEGRNFQFASHMVMF
DLPFNPDLLEQRIGRLDRIGQAHDIQIHVPYLEKTAQSVLVRWYHEGLDAFEHTCPTGRTIYDSVYNDLINYLASPDQTE
GFDDLIKNCREQHEALKAQLEQGRDRLLEIHSNGGEKAQALAESIEEQDDDTNLIAFAMNLFDIIGINQDDRGDNMIVLT
PSDHMLVPDFPGLSEDGITITFDREVALAREDAQFITWEHPLIRNGLDLILSGDTGSSTISLLKNKALPVGTLLVELIYV
VEAQAPKQLQLNRFLPPTPVRMLLDKNGNNLAAQVEFETFNRQLNAVNRHTGSKLVNAVQQDVHAILQLGEAQIEKSARA
LIDAARNEADEKLSAELSRLEALRAVNPNIRDDELTAIESNRQQVMESLDQAGWRLDALRLIVVTHQ
;
_entity_poly.pdbx_strand_id   A
#
loop_
_chem_comp.id
_chem_comp.type
_chem_comp.name
_chem_comp.formula
CL non-polymer 'CHLORIDE ION' 'Cl -1'
SO4 non-polymer 'SULFATE ION' 'O4 S -2'
#
# COMPACT_ATOMS: atom_id res chain seq x y z
N LYS A 9 -41.23 3.34 -9.97
CA LYS A 9 -41.14 2.92 -11.36
C LYS A 9 -41.15 4.14 -12.27
N PRO A 10 -40.08 4.32 -13.05
CA PRO A 10 -39.84 5.61 -13.71
C PRO A 10 -40.94 6.09 -14.65
N GLN A 11 -41.70 5.18 -15.28
CA GLN A 11 -42.75 5.64 -16.19
C GLN A 11 -43.93 6.24 -15.42
N ASP A 12 -44.32 5.62 -14.31
CA ASP A 12 -45.32 6.23 -13.45
C ASP A 12 -44.82 7.56 -12.88
N ARG A 13 -43.50 7.73 -12.77
CA ARG A 13 -42.95 9.03 -12.41
C ARG A 13 -43.05 10.02 -13.56
N LEU A 14 -43.02 9.54 -14.80
CA LEU A 14 -43.16 10.40 -15.97
C LEU A 14 -44.63 10.61 -16.35
N PHE A 15 -45.44 9.56 -16.26
CA PHE A 15 -46.88 9.70 -16.45
C PHE A 15 -47.45 10.74 -15.49
N ALA A 16 -47.06 10.67 -14.22
CA ALA A 16 -47.60 11.54 -13.18
C ALA A 16 -46.95 12.92 -13.14
N GLY A 17 -46.15 13.28 -14.12
CA GLY A 17 -45.71 14.65 -14.26
C GLY A 17 -44.42 15.05 -13.57
N GLN A 18 -43.52 14.09 -13.32
CA GLN A 18 -42.19 14.39 -12.81
C GLN A 18 -41.20 14.24 -13.96
N ILE A 19 -40.64 15.35 -14.41
CA ILE A 19 -39.75 15.40 -15.56
C ILE A 19 -38.44 16.02 -15.11
N ASP A 20 -37.39 15.20 -15.00
CA ASP A 20 -36.10 15.66 -14.53
C ASP A 20 -35.30 16.25 -15.69
N ARG A 21 -34.08 16.70 -15.39
CA ARG A 21 -33.25 17.34 -16.40
C ARG A 21 -32.70 16.31 -17.39
N MET A 22 -32.22 16.81 -18.53
CA MET A 22 -31.67 15.97 -19.60
C MET A 22 -30.16 15.79 -19.49
N ASP A 23 -29.49 16.58 -18.66
CA ASP A 23 -28.09 16.33 -18.34
C ASP A 23 -27.93 15.37 -17.17
N ARG A 24 -28.99 15.15 -16.40
CA ARG A 24 -28.97 14.18 -15.32
C ARG A 24 -29.40 12.80 -15.78
N PHE A 25 -30.26 12.71 -16.79
CA PHE A 25 -30.46 11.43 -17.48
C PHE A 25 -29.17 10.98 -18.16
N ALA A 26 -28.35 11.93 -18.61
CA ALA A 26 -27.09 11.59 -19.28
C ALA A 26 -26.09 11.02 -18.29
N LEU A 27 -25.92 11.68 -17.14
CA LEU A 27 -24.96 11.20 -16.14
C LEU A 27 -25.39 9.86 -15.57
N ARG A 28 -26.69 9.67 -15.36
CA ARG A 28 -27.17 8.44 -14.73
C ARG A 28 -26.80 7.21 -15.56
N TYR A 29 -26.99 7.27 -16.87
CA TYR A 29 -26.64 6.14 -17.71
C TYR A 29 -25.13 5.94 -17.77
N ARG A 30 -24.37 7.04 -17.88
CA ARG A 30 -22.91 6.94 -17.86
C ARG A 30 -22.43 6.30 -16.57
N ALA A 31 -23.07 6.62 -15.44
CA ALA A 31 -22.66 6.07 -14.16
C ALA A 31 -22.91 4.56 -14.09
N ARG A 32 -24.09 4.11 -14.52
CA ARG A 32 -24.36 2.68 -14.55
C ARG A 32 -23.42 1.95 -15.50
N LYS A 33 -23.06 2.60 -16.61
CA LYS A 33 -22.13 1.99 -17.54
C LYS A 33 -20.73 1.90 -16.94
N TYR A 34 -20.24 3.00 -16.35
CA TYR A 34 -18.88 3.02 -15.80
C TYR A 34 -18.76 2.09 -14.60
N SER A 35 -19.72 2.15 -13.67
CA SER A 35 -19.69 1.27 -12.52
C SER A 35 -19.67 -0.20 -12.95
N SER A 36 -20.46 -0.54 -13.96
CA SER A 36 -20.49 -1.92 -14.45
C SER A 36 -19.12 -2.36 -14.95
N GLU A 37 -18.46 -1.53 -15.76
CA GLU A 37 -17.17 -1.90 -16.33
C GLU A 37 -16.10 -2.04 -15.25
N GLN A 38 -16.15 -1.22 -14.20
CA GLN A 38 -15.11 -1.22 -13.18
C GLN A 38 -15.23 -2.39 -12.21
N PHE A 39 -16.45 -2.83 -11.89
CA PHE A 39 -16.62 -4.00 -11.03
C PHE A 39 -15.88 -5.21 -11.58
N ARG A 40 -15.86 -5.36 -12.91
CA ARG A 40 -15.25 -6.49 -13.57
C ARG A 40 -13.77 -6.31 -13.85
N MET A 41 -13.17 -5.20 -13.40
CA MET A 41 -11.75 -4.98 -13.64
C MET A 41 -10.94 -6.11 -13.02
N PRO A 42 -9.97 -6.68 -13.74
CA PRO A 42 -9.27 -7.87 -13.21
C PRO A 42 -8.61 -7.66 -11.87
N TYR A 43 -8.01 -6.48 -11.66
CA TYR A 43 -7.22 -6.19 -10.47
C TYR A 43 -7.93 -5.23 -9.53
N SER A 44 -9.24 -5.40 -9.36
CA SER A 44 -10.00 -4.58 -8.44
C SER A 44 -9.41 -4.68 -7.03
N GLY A 45 -9.47 -3.55 -6.30
CA GLY A 45 -8.92 -3.48 -4.96
C GLY A 45 -7.42 -3.28 -4.91
N LEU A 46 -6.78 -2.99 -6.04
CA LEU A 46 -5.32 -2.88 -6.11
C LEU A 46 -4.88 -1.60 -6.81
N ARG A 47 -5.79 -0.63 -6.98
CA ARG A 47 -5.51 0.59 -7.71
C ARG A 47 -5.70 1.86 -6.89
N GLY A 48 -6.51 1.82 -5.83
CA GLY A 48 -6.79 3.03 -5.08
C GLY A 48 -5.77 3.36 -4.01
N GLN A 49 -4.93 2.40 -3.62
CA GLN A 49 -3.99 2.63 -2.54
C GLN A 49 -2.95 3.66 -2.94
N ARG A 50 -2.58 4.52 -1.99
CA ARG A 50 -1.61 5.58 -2.23
C ARG A 50 -0.20 5.04 -2.00
N THR A 51 0.22 4.17 -2.92
CA THR A 51 1.56 3.59 -2.89
C THR A 51 2.13 3.59 -4.29
N SER A 52 3.44 3.38 -4.37
CA SER A 52 4.05 3.08 -5.66
C SER A 52 3.64 1.68 -6.08
N LEU A 53 3.61 1.45 -7.40
CA LEU A 53 3.21 0.14 -7.94
C LEU A 53 4.46 -0.75 -8.01
N ILE A 54 4.83 -1.25 -6.84
CA ILE A 54 6.03 -2.07 -6.69
C ILE A 54 5.65 -3.53 -6.86
N PRO A 55 6.26 -4.27 -7.79
CA PRO A 55 5.79 -5.65 -8.07
C PRO A 55 5.77 -6.58 -6.87
N HIS A 56 6.85 -6.65 -6.10
CA HIS A 56 6.91 -7.63 -5.01
C HIS A 56 5.83 -7.37 -3.96
N GLN A 57 5.50 -6.11 -3.71
CA GLN A 57 4.35 -5.81 -2.85
C GLN A 57 3.06 -6.28 -3.51
N LEU A 58 2.82 -5.87 -4.76
CA LEU A 58 1.58 -6.22 -5.45
C LEU A 58 1.39 -7.72 -5.57
N ASN A 59 2.48 -8.47 -5.72
CA ASN A 59 2.36 -9.92 -5.83
C ASN A 59 1.73 -10.52 -4.57
N ILE A 60 2.26 -10.16 -3.40
CA ILE A 60 1.73 -10.70 -2.16
C ILE A 60 0.27 -10.32 -1.97
N ALA A 61 -0.06 -9.06 -2.24
CA ALA A 61 -1.44 -8.60 -2.11
C ALA A 61 -2.37 -9.41 -3.01
N HIS A 62 -1.98 -9.61 -4.27
CA HIS A 62 -2.80 -10.36 -5.20
C HIS A 62 -2.98 -11.81 -4.73
N ASP A 63 -1.88 -12.48 -4.39
CA ASP A 63 -1.95 -13.86 -3.93
C ASP A 63 -2.79 -13.97 -2.66
N VAL A 64 -2.48 -13.17 -1.64
CA VAL A 64 -3.14 -13.33 -0.35
C VAL A 64 -4.50 -12.65 -0.33
N GLY A 65 -4.59 -11.43 -0.88
CA GLY A 65 -5.84 -10.68 -0.84
C GLY A 65 -7.02 -11.38 -1.47
N ARG A 66 -6.77 -12.32 -2.39
CA ARG A 66 -7.87 -13.01 -3.06
C ARG A 66 -8.27 -14.32 -2.38
N ARG A 67 -7.44 -14.84 -1.48
CA ARG A 67 -7.79 -16.08 -0.80
C ARG A 67 -9.02 -15.87 0.08
N HIS A 68 -9.58 -16.99 0.52
CA HIS A 68 -10.67 -17.00 1.50
C HIS A 68 -10.11 -17.37 2.86
N ALA A 69 -10.44 -16.59 3.88
CA ALA A 69 -9.87 -16.72 5.21
C ALA A 69 -8.34 -16.83 5.17
N PRO A 70 -7.65 -15.82 4.61
CA PRO A 70 -6.20 -15.93 4.46
C PRO A 70 -5.49 -15.94 5.81
N ARG A 71 -4.53 -16.86 5.94
CA ARG A 71 -3.72 -16.97 7.15
C ARG A 71 -2.26 -17.04 6.71
N VAL A 72 -1.53 -15.95 6.92
CA VAL A 72 -0.22 -15.73 6.33
C VAL A 72 0.69 -15.11 7.40
N LEU A 73 2.00 -15.29 7.23
CA LEU A 73 2.99 -14.57 8.01
C LEU A 73 3.84 -13.75 7.06
N LEU A 74 3.77 -12.42 7.21
CA LEU A 74 4.55 -11.51 6.39
C LEU A 74 5.90 -11.29 7.08
N ALA A 75 6.96 -11.87 6.52
CA ALA A 75 8.30 -11.74 7.07
C ALA A 75 9.25 -11.09 6.07
N ASP A 76 8.73 -10.15 5.28
CA ASP A 76 9.58 -9.40 4.36
C ASP A 76 10.68 -8.69 5.14
N GLU A 77 11.84 -8.55 4.49
CA GLU A 77 12.95 -7.82 5.10
C GLU A 77 12.49 -6.40 5.46
N VAL A 78 13.13 -5.84 6.49
CA VAL A 78 12.75 -4.51 6.96
C VAL A 78 12.90 -3.50 5.84
N GLY A 79 11.89 -2.66 5.66
CA GLY A 79 11.88 -1.69 4.59
C GLY A 79 11.34 -2.17 3.28
N LEU A 80 10.78 -3.38 3.23
CA LEU A 80 10.28 -3.93 1.97
C LEU A 80 8.77 -3.74 1.78
N GLY A 81 8.03 -3.47 2.84
CA GLY A 81 6.62 -3.17 2.69
C GLY A 81 5.69 -4.09 3.45
N LYS A 82 6.16 -4.66 4.56
CA LYS A 82 5.33 -5.49 5.43
C LYS A 82 3.99 -4.82 5.72
N THR A 83 4.03 -3.57 6.20
CA THR A 83 2.81 -2.85 6.54
C THR A 83 2.03 -2.42 5.29
N ILE A 84 2.71 -2.24 4.16
CA ILE A 84 2.01 -1.91 2.92
C ILE A 84 1.25 -3.13 2.40
N GLU A 85 1.93 -4.27 2.31
CA GLU A 85 1.26 -5.51 1.93
C GLU A 85 0.07 -5.81 2.84
N ALA A 86 0.22 -5.53 4.14
CA ALA A 86 -0.87 -5.76 5.08
C ALA A 86 -2.08 -4.90 4.71
N GLY A 87 -1.87 -3.60 4.48
CA GLY A 87 -2.99 -2.73 4.14
C GLY A 87 -3.61 -3.06 2.79
N MET A 88 -2.79 -3.50 1.83
CA MET A 88 -3.32 -3.87 0.52
C MET A 88 -4.28 -5.05 0.63
N ILE A 89 -3.87 -6.10 1.35
CA ILE A 89 -4.76 -7.24 1.61
C ILE A 89 -6.06 -6.77 2.26
N LEU A 90 -5.96 -5.84 3.22
CA LEU A 90 -7.15 -5.29 3.85
C LEU A 90 -7.99 -4.52 2.83
N HIS A 91 -7.35 -3.72 1.98
CA HIS A 91 -8.10 -2.94 1.01
C HIS A 91 -8.86 -3.84 0.03
N GLN A 92 -8.26 -4.96 -0.35
CA GLN A 92 -8.92 -5.87 -1.28
C GLN A 92 -10.12 -6.57 -0.64
N GLN A 93 -9.90 -7.21 0.50
CA GLN A 93 -10.98 -7.98 1.12
C GLN A 93 -12.14 -7.10 1.57
N LEU A 94 -11.85 -5.86 1.96
CA LEU A 94 -12.93 -4.95 2.36
C LEU A 94 -13.72 -4.47 1.16
N LEU A 95 -13.03 -4.15 0.05
CA LEU A 95 -13.73 -3.67 -1.14
C LEU A 95 -14.52 -4.79 -1.80
N SER A 96 -13.98 -6.01 -1.80
CA SER A 96 -14.65 -7.15 -2.39
C SER A 96 -15.79 -7.69 -1.54
N GLY A 97 -16.02 -7.13 -0.36
CA GLY A 97 -17.02 -7.65 0.55
C GLY A 97 -16.62 -8.91 1.29
N ALA A 98 -15.42 -9.43 1.04
CA ALA A 98 -14.98 -10.65 1.71
C ALA A 98 -14.86 -10.44 3.21
N ALA A 99 -14.54 -9.22 3.65
CA ALA A 99 -14.42 -8.91 5.06
C ALA A 99 -15.17 -7.62 5.36
N GLU A 100 -15.68 -7.53 6.59
CA GLU A 100 -16.38 -6.34 7.08
C GLU A 100 -15.83 -5.83 8.39
N ARG A 101 -15.41 -6.71 9.29
CA ARG A 101 -14.84 -6.34 10.58
C ARG A 101 -13.38 -6.71 10.60
N VAL A 102 -12.53 -5.77 11.04
CA VAL A 102 -11.08 -5.96 11.06
C VAL A 102 -10.56 -5.53 12.42
N LEU A 103 -9.55 -6.25 12.93
CA LEU A 103 -8.90 -5.91 14.18
C LEU A 103 -7.40 -5.93 13.96
N ILE A 104 -6.75 -4.79 14.20
CA ILE A 104 -5.30 -4.67 14.12
C ILE A 104 -4.77 -4.48 15.53
N ILE A 105 -3.82 -5.32 15.92
CA ILE A 105 -3.21 -5.26 17.24
C ILE A 105 -1.79 -4.72 17.08
N VAL A 106 -1.53 -3.57 17.70
CA VAL A 106 -0.28 -2.86 17.53
C VAL A 106 0.24 -2.42 18.90
N PRO A 107 1.54 -2.52 19.17
CA PRO A 107 2.10 -1.86 20.35
C PRO A 107 1.72 -0.38 20.36
N GLU A 108 1.34 0.12 21.55
CA GLU A 108 0.71 1.43 21.65
C GLU A 108 1.56 2.53 21.03
N THR A 109 2.89 2.43 21.14
CA THR A 109 3.76 3.44 20.54
C THR A 109 3.64 3.50 19.02
N LEU A 110 3.12 2.45 18.39
CA LEU A 110 2.95 2.41 16.94
C LEU A 110 1.51 2.61 16.50
N GLN A 111 0.57 2.80 17.45
CA GLN A 111 -0.84 2.92 17.07
C GLN A 111 -1.09 4.10 16.16
N HIS A 112 -0.42 5.23 16.42
CA HIS A 112 -0.68 6.42 15.60
C HIS A 112 -0.17 6.25 14.18
N GLN A 113 0.98 5.59 14.01
CA GLN A 113 1.51 5.34 12.68
C GLN A 113 0.51 4.55 11.84
N TRP A 114 -0.09 3.51 12.43
CA TRP A 114 -1.05 2.68 11.71
C TRP A 114 -2.34 3.45 11.40
N LEU A 115 -2.82 4.24 12.36
CA LEU A 115 -4.04 5.02 12.15
C LEU A 115 -3.91 5.92 10.93
N VAL A 116 -2.77 6.62 10.81
CA VAL A 116 -2.58 7.52 9.68
C VAL A 116 -2.30 6.74 8.41
N GLU A 117 -1.54 5.64 8.50
CA GLU A 117 -1.26 4.83 7.32
C GLU A 117 -2.54 4.30 6.69
N MET A 118 -3.40 3.67 7.50
CA MET A 118 -4.62 3.10 6.97
C MET A 118 -5.56 4.16 6.42
N LEU A 119 -5.53 5.37 6.98
CA LEU A 119 -6.43 6.43 6.53
C LEU A 119 -5.94 7.07 5.24
N ARG A 120 -4.64 7.43 5.18
CA ARG A 120 -4.13 8.15 4.03
C ARG A 120 -3.73 7.24 2.88
N ARG A 121 -3.24 6.04 3.17
CA ARG A 121 -2.84 5.15 2.10
C ARG A 121 -3.99 4.32 1.56
N PHE A 122 -4.89 3.84 2.42
CA PHE A 122 -5.93 2.91 2.00
C PHE A 122 -7.35 3.42 2.21
N ASN A 123 -7.53 4.68 2.64
CA ASN A 123 -8.85 5.28 2.83
C ASN A 123 -9.71 4.49 3.83
N LEU A 124 -9.09 4.11 4.95
CA LEU A 124 -9.74 3.31 5.97
C LEU A 124 -9.58 3.99 7.32
N ARG A 125 -10.68 4.42 7.90
CA ARG A 125 -10.66 5.07 9.20
C ARG A 125 -10.92 4.03 10.28
N PHE A 126 -9.88 3.68 11.02
CA PHE A 126 -9.99 2.76 12.14
C PHE A 126 -10.26 3.55 13.42
N ALA A 127 -11.01 2.92 14.33
CA ALA A 127 -11.29 3.50 15.64
C ALA A 127 -10.27 2.96 16.63
N LEU A 128 -9.50 3.85 17.25
CA LEU A 128 -8.54 3.44 18.27
C LEU A 128 -9.28 3.14 19.56
N PHE A 129 -9.00 1.98 20.15
CA PHE A 129 -9.69 1.51 21.35
C PHE A 129 -8.70 1.51 22.51
N ASP A 130 -8.78 2.52 23.37
CA ASP A 130 -8.07 2.57 24.63
C ASP A 130 -9.07 2.37 25.77
N ASP A 131 -8.56 2.40 27.00
CA ASP A 131 -9.42 2.22 28.17
C ASP A 131 -10.59 3.19 28.16
N GLU A 132 -10.31 4.46 27.84
CA GLU A 132 -11.38 5.46 27.75
C GLU A 132 -12.46 5.02 26.75
N ARG A 133 -12.05 4.72 25.52
CA ARG A 133 -12.99 4.26 24.50
C ARG A 133 -13.72 3.01 24.96
N TYR A 134 -12.99 2.07 25.57
CA TYR A 134 -13.59 0.80 25.96
C TYR A 134 -14.69 0.99 27.00
N ALA A 135 -14.49 1.91 27.94
CA ALA A 135 -15.46 2.12 29.00
C ALA A 135 -16.74 2.75 28.46
N GLU A 136 -16.62 3.83 27.69
CA GLU A 136 -17.80 4.46 27.10
C GLU A 136 -18.53 3.55 26.13
N ALA A 137 -17.84 2.55 25.57
CA ALA A 137 -18.48 1.58 24.68
C ALA A 137 -19.12 0.42 25.42
N GLN A 138 -18.73 0.17 26.67
CA GLN A 138 -19.41 -0.85 27.47
C GLN A 138 -20.87 -0.48 27.70
N HIS A 139 -21.14 0.82 27.85
CA HIS A 139 -22.53 1.27 28.00
C HIS A 139 -23.33 1.10 26.72
N ASP A 140 -22.69 1.29 25.57
CA ASP A 140 -23.41 1.33 24.30
C ASP A 140 -23.75 -0.04 23.74
N ALA A 141 -23.17 -1.12 24.26
CA ALA A 141 -23.38 -2.42 23.66
C ALA A 141 -23.18 -3.53 24.68
N TYR A 142 -23.77 -4.68 24.39
CA TYR A 142 -23.49 -5.90 25.15
C TYR A 142 -22.01 -6.25 25.02
N ASN A 143 -21.53 -6.36 23.79
CA ASN A 143 -20.11 -6.54 23.53
C ASN A 143 -19.54 -5.19 23.13
N PRO A 144 -18.65 -4.59 23.92
CA PRO A 144 -18.12 -3.26 23.58
C PRO A 144 -17.53 -3.16 22.17
N PHE A 145 -16.93 -4.24 21.68
CA PHE A 145 -16.28 -4.23 20.37
C PHE A 145 -17.26 -4.39 19.21
N ASP A 146 -18.56 -4.40 19.48
CA ASP A 146 -19.55 -4.41 18.40
C ASP A 146 -19.87 -3.02 17.86
N THR A 147 -19.38 -1.97 18.51
CA THR A 147 -19.73 -0.61 18.14
C THR A 147 -18.91 -0.07 16.97
N GLU A 148 -17.82 -0.74 16.59
CA GLU A 148 -16.98 -0.28 15.50
C GLU A 148 -16.61 -1.45 14.60
N GLN A 149 -16.61 -1.20 13.29
CA GLN A 149 -16.25 -2.23 12.33
C GLN A 149 -14.74 -2.42 12.25
N LEU A 150 -13.97 -1.33 12.32
CA LEU A 150 -12.53 -1.36 12.19
C LEU A 150 -11.91 -0.80 13.47
N VAL A 151 -11.05 -1.57 14.12
CA VAL A 151 -10.55 -1.25 15.44
C VAL A 151 -9.06 -1.48 15.51
N ILE A 152 -8.33 -0.52 16.06
CA ILE A 152 -6.94 -0.70 16.46
C ILE A 152 -6.88 -0.71 17.98
N CYS A 153 -5.99 -1.52 18.53
CA CYS A 153 -5.76 -1.57 19.97
C CYS A 153 -4.43 -2.26 20.21
N SER A 154 -3.93 -2.15 21.44
CA SER A 154 -2.68 -2.78 21.84
C SER A 154 -2.96 -4.12 22.51
N LEU A 155 -1.96 -5.00 22.45
CA LEU A 155 -2.07 -6.28 23.13
C LEU A 155 -2.11 -6.12 24.64
N ASP A 156 -1.42 -5.10 25.17
CA ASP A 156 -1.52 -4.79 26.59
C ASP A 156 -2.94 -4.35 26.96
N PHE A 157 -3.56 -3.54 26.10
CA PHE A 157 -4.97 -3.21 26.28
C PHE A 157 -5.83 -4.46 26.20
N ALA A 158 -5.55 -5.33 25.22
CA ALA A 158 -6.38 -6.51 25.03
C ALA A 158 -6.27 -7.48 26.21
N ARG A 159 -5.13 -7.50 26.89
CA ARG A 159 -4.85 -8.47 27.94
C ARG A 159 -5.13 -7.93 29.34
N ARG A 160 -5.64 -6.71 29.46
CA ARG A 160 -5.79 -6.08 30.77
C ARG A 160 -6.63 -6.94 31.71
N SER A 161 -7.88 -7.18 31.34
CA SER A 161 -8.75 -8.07 32.10
C SER A 161 -9.10 -9.28 31.24
N LYS A 162 -9.60 -10.33 31.90
CA LYS A 162 -10.09 -11.48 31.15
C LYS A 162 -11.43 -11.19 30.50
N GLN A 163 -12.35 -10.52 31.21
CA GLN A 163 -13.63 -10.16 30.63
C GLN A 163 -13.46 -9.33 29.37
N ARG A 164 -12.35 -8.60 29.25
CA ARG A 164 -12.09 -7.80 28.06
C ARG A 164 -11.66 -8.68 26.89
N LEU A 165 -10.70 -9.57 27.11
CA LEU A 165 -10.23 -10.45 26.03
C LEU A 165 -11.34 -11.38 25.55
N GLU A 166 -12.34 -11.66 26.39
CA GLU A 166 -13.45 -12.50 25.96
C GLU A 166 -14.33 -11.76 24.97
N HIS A 167 -14.66 -10.48 25.26
CA HIS A 167 -15.43 -9.67 24.32
C HIS A 167 -14.73 -9.58 22.97
N LEU A 168 -13.39 -9.46 22.99
CA LEU A 168 -12.64 -9.34 21.74
C LEU A 168 -12.79 -10.57 20.87
N CYS A 169 -12.68 -11.76 21.46
CA CYS A 169 -12.79 -12.99 20.68
C CYS A 169 -14.23 -13.29 20.26
N GLU A 170 -15.21 -12.61 20.85
CA GLU A 170 -16.61 -12.80 20.49
C GLU A 170 -17.14 -11.70 19.57
N ALA A 171 -16.30 -10.71 19.23
CA ALA A 171 -16.72 -9.61 18.38
C ALA A 171 -16.88 -10.00 16.91
N GLU A 172 -16.56 -11.25 16.55
CA GLU A 172 -16.78 -11.78 15.21
C GLU A 172 -15.97 -11.02 14.14
N TRP A 173 -14.67 -10.87 14.39
CA TRP A 173 -13.80 -10.23 13.41
C TRP A 173 -13.60 -11.14 12.21
N ASP A 174 -13.59 -10.55 11.02
CA ASP A 174 -13.29 -11.32 9.81
C ASP A 174 -11.78 -11.46 9.61
N LEU A 175 -11.00 -10.45 9.97
CA LEU A 175 -9.56 -10.47 9.78
C LEU A 175 -8.87 -9.94 11.02
N LEU A 176 -7.68 -10.46 11.29
CA LEU A 176 -6.84 -10.04 12.40
C LEU A 176 -5.44 -9.76 11.89
N VAL A 177 -4.85 -8.67 12.36
CA VAL A 177 -3.51 -8.26 11.97
C VAL A 177 -2.72 -7.98 13.25
N VAL A 178 -1.53 -8.58 13.35
CA VAL A 178 -0.68 -8.42 14.52
C VAL A 178 0.69 -7.94 14.04
N ASP A 179 1.06 -6.73 14.44
CA ASP A 179 2.37 -6.19 14.09
C ASP A 179 3.40 -6.57 15.15
N GLU A 180 4.63 -6.75 14.70
CA GLU A 180 5.75 -7.15 15.55
C GLU A 180 5.42 -8.44 16.33
N ALA A 181 5.13 -9.49 15.56
CA ALA A 181 4.84 -10.79 16.16
C ALA A 181 6.10 -11.51 16.62
N HIS A 182 7.28 -10.99 16.30
CA HIS A 182 8.52 -11.54 16.82
C HIS A 182 8.69 -11.26 18.31
N HIS A 183 8.05 -10.21 18.83
CA HIS A 183 8.07 -9.93 20.26
C HIS A 183 7.32 -10.99 21.06
N LEU A 184 6.67 -11.94 20.39
CA LEU A 184 5.97 -13.03 21.06
C LEU A 184 6.97 -14.18 21.23
N VAL A 185 7.59 -14.26 22.39
CA VAL A 185 8.50 -15.37 22.68
C VAL A 185 7.68 -16.57 23.12
N TRP A 186 8.06 -17.73 22.61
CA TRP A 186 7.29 -18.95 22.83
C TRP A 186 8.25 -20.11 23.10
N SER A 187 8.03 -20.79 24.22
CA SER A 187 8.68 -22.05 24.52
C SER A 187 7.65 -23.17 24.47
N GLU A 188 8.03 -24.29 23.86
CA GLU A 188 7.12 -25.43 23.78
C GLU A 188 6.61 -25.83 25.16
N ASP A 189 7.46 -25.71 26.18
CA ASP A 189 7.09 -26.05 27.55
C ASP A 189 6.55 -24.86 28.34
N ALA A 190 6.75 -23.64 27.88
CA ALA A 190 6.33 -22.45 28.64
C ALA A 190 6.08 -21.30 27.69
N PRO A 191 4.85 -21.18 27.17
CA PRO A 191 4.50 -20.00 26.38
C PRO A 191 4.18 -18.83 27.29
N SER A 192 4.57 -17.63 26.85
CA SER A 192 4.35 -16.44 27.65
C SER A 192 2.87 -16.11 27.74
N ARG A 193 2.52 -15.31 28.75
CA ARG A 193 1.13 -14.87 28.90
C ARG A 193 0.68 -14.00 27.73
N GLU A 194 1.61 -13.48 26.93
CA GLU A 194 1.25 -12.75 25.73
C GLU A 194 0.96 -13.68 24.57
N TYR A 195 1.84 -14.65 24.32
CA TYR A 195 1.60 -15.63 23.27
C TYR A 195 0.29 -16.38 23.49
N GLN A 196 -0.06 -16.65 24.75
CA GLN A 196 -1.31 -17.35 25.04
C GLN A 196 -2.52 -16.50 24.66
N ALA A 197 -2.41 -15.17 24.77
CA ALA A 197 -3.55 -14.33 24.42
C ALA A 197 -3.75 -14.24 22.91
N ILE A 198 -2.67 -14.28 22.13
CA ILE A 198 -2.79 -14.19 20.69
C ILE A 198 -3.33 -15.48 20.10
N GLU A 199 -2.77 -16.62 20.55
CA GLU A 199 -3.26 -17.92 20.07
C GLU A 199 -4.75 -18.08 20.32
N GLN A 200 -5.25 -17.51 21.41
CA GLN A 200 -6.69 -17.50 21.65
C GLN A 200 -7.42 -16.63 20.64
N LEU A 201 -6.78 -15.54 20.21
CA LEU A 201 -7.38 -14.68 19.19
C LEU A 201 -7.40 -15.34 17.83
N ALA A 202 -6.25 -15.88 17.39
CA ALA A 202 -6.16 -16.51 16.08
C ALA A 202 -7.04 -17.74 15.96
N GLU A 203 -7.64 -18.21 17.05
CA GLU A 203 -8.58 -19.33 17.00
C GLU A 203 -10.03 -18.89 16.83
N HIS A 204 -10.33 -17.62 17.08
CA HIS A 204 -11.69 -17.10 16.94
C HIS A 204 -11.86 -16.21 15.71
N VAL A 205 -10.80 -16.04 14.90
CA VAL A 205 -10.83 -15.16 13.75
C VAL A 205 -10.41 -15.96 12.54
N PRO A 206 -11.21 -15.99 11.45
CA PRO A 206 -10.87 -16.83 10.30
C PRO A 206 -9.55 -16.43 9.63
N GLY A 207 -9.45 -15.17 9.21
CA GLY A 207 -8.26 -14.67 8.54
C GLY A 207 -7.33 -13.97 9.51
N VAL A 208 -6.03 -14.24 9.36
CA VAL A 208 -5.01 -13.79 10.29
C VAL A 208 -3.76 -13.41 9.51
N LEU A 209 -3.31 -12.16 9.64
CA LEU A 209 -2.09 -11.68 9.02
C LEU A 209 -1.08 -11.37 10.13
N LEU A 210 0.10 -11.97 10.04
CA LEU A 210 1.15 -11.81 11.04
C LEU A 210 2.34 -11.10 10.41
N LEU A 211 2.69 -9.93 10.96
CA LEU A 211 3.86 -9.19 10.53
C LEU A 211 4.96 -9.43 11.55
N THR A 212 6.17 -9.70 11.06
CA THR A 212 7.25 -10.08 11.96
C THR A 212 8.58 -9.77 11.28
N ALA A 213 9.65 -9.94 12.06
CA ALA A 213 11.00 -9.88 11.56
C ALA A 213 11.74 -11.15 11.98
N THR A 214 12.76 -11.51 11.22
CA THR A 214 13.61 -12.66 11.51
C THR A 214 15.05 -12.17 11.59
N PRO A 215 15.36 -11.35 12.61
CA PRO A 215 16.66 -10.69 12.66
C PRO A 215 17.73 -11.54 13.34
N GLU A 216 18.92 -10.95 13.52
CA GLU A 216 20.07 -11.58 14.18
C GLU A 216 20.48 -12.91 13.53
N GLN A 217 20.36 -12.99 12.21
CA GLN A 217 20.96 -14.04 11.39
C GLN A 217 20.42 -15.44 11.70
N LEU A 218 19.22 -15.52 12.27
CA LEU A 218 18.65 -16.83 12.57
C LEU A 218 17.82 -17.34 11.39
N GLY A 219 17.42 -18.62 11.47
CA GLY A 219 16.75 -19.29 10.39
C GLY A 219 15.23 -19.27 10.52
N MET A 220 14.59 -19.93 9.56
CA MET A 220 13.13 -20.02 9.52
C MET A 220 12.56 -20.83 10.69
N GLU A 221 13.41 -21.51 11.46
CA GLU A 221 12.92 -22.26 12.61
C GLU A 221 12.31 -21.34 13.64
N SER A 222 12.86 -20.13 13.80
CA SER A 222 12.29 -19.15 14.72
C SER A 222 10.84 -18.80 14.39
N HIS A 223 10.42 -19.01 13.14
CA HIS A 223 9.06 -18.69 12.72
C HIS A 223 8.05 -19.74 13.13
N PHE A 224 8.50 -20.94 13.51
CA PHE A 224 7.56 -22.00 13.85
C PHE A 224 6.56 -21.55 14.92
N ALA A 225 7.02 -20.76 15.87
CA ALA A 225 6.14 -20.30 16.95
C ALA A 225 4.93 -19.56 16.41
N ARG A 226 5.07 -18.89 15.27
CA ARG A 226 3.96 -18.16 14.67
C ARG A 226 3.25 -19.00 13.61
N LEU A 227 4.01 -19.71 12.77
CA LEU A 227 3.41 -20.65 11.83
C LEU A 227 2.47 -21.62 12.56
N ARG A 228 2.84 -22.00 13.78
CA ARG A 228 1.98 -22.82 14.61
C ARG A 228 0.60 -22.18 14.81
N LEU A 229 0.52 -20.85 14.77
CA LEU A 229 -0.75 -20.16 14.99
C LEU A 229 -1.62 -20.15 13.75
N LEU A 230 -1.02 -20.04 12.57
CA LEU A 230 -1.80 -19.98 11.34
C LEU A 230 -2.48 -21.32 11.06
N ASP A 231 -1.69 -22.38 10.92
CA ASP A 231 -2.18 -23.72 10.63
C ASP A 231 -1.67 -24.65 11.72
N PRO A 232 -2.42 -24.81 12.81
CA PRO A 232 -1.93 -25.65 13.92
C PRO A 232 -1.80 -27.11 13.58
N ASN A 233 -2.51 -27.61 12.57
CA ASN A 233 -2.42 -29.02 12.21
C ASN A 233 -1.21 -29.29 11.32
N ARG A 234 -0.91 -28.37 10.40
CA ARG A 234 0.27 -28.54 9.55
C ARG A 234 1.55 -28.45 10.38
N PHE A 235 1.65 -27.46 11.25
CA PHE A 235 2.81 -27.29 12.13
C PHE A 235 2.39 -27.74 13.53
N HIS A 236 2.73 -28.98 13.89
CA HIS A 236 2.37 -29.54 15.17
C HIS A 236 3.52 -30.13 15.96
N ASP A 237 4.72 -30.22 15.37
CA ASP A 237 5.89 -30.73 16.07
C ASP A 237 7.09 -29.90 15.63
N PHE A 238 7.78 -29.32 16.60
CA PHE A 238 8.91 -28.44 16.29
C PHE A 238 10.02 -29.20 15.58
N ALA A 239 10.46 -30.32 16.16
CA ALA A 239 11.65 -31.01 15.69
C ALA A 239 11.53 -31.43 14.22
N GLN A 240 10.37 -31.96 13.84
CA GLN A 240 10.17 -32.34 12.44
C GLN A 240 10.35 -31.16 11.51
N PHE A 241 9.88 -29.98 11.92
CA PHE A 241 10.10 -28.77 11.12
C PHE A 241 11.58 -28.45 11.01
N VAL A 242 12.35 -28.70 12.07
CA VAL A 242 13.80 -28.50 12.02
C VAL A 242 14.43 -29.50 11.05
N GLU A 243 14.03 -30.76 11.15
CA GLU A 243 14.55 -31.79 10.25
C GLU A 243 14.26 -31.41 8.80
N GLU A 244 13.03 -30.96 8.53
CA GLU A 244 12.64 -30.58 7.18
C GLU A 244 13.53 -29.48 6.63
N GLN A 245 13.80 -28.45 7.44
CA GLN A 245 14.58 -27.32 6.94
C GLN A 245 16.02 -27.72 6.65
N LYS A 246 16.60 -28.60 7.45
CA LYS A 246 17.93 -29.11 7.15
C LYS A 246 17.93 -29.90 5.85
N ASN A 247 16.91 -30.73 5.64
CA ASN A 247 16.84 -31.55 4.44
C ASN A 247 16.45 -30.76 3.20
N TYR A 248 15.76 -29.63 3.36
CA TYR A 248 15.46 -28.78 2.22
C TYR A 248 16.68 -28.00 1.76
N ARG A 249 17.62 -27.74 2.69
CA ARG A 249 18.78 -26.91 2.38
C ARG A 249 19.56 -27.35 1.15
N PRO A 250 19.92 -28.62 0.96
CA PRO A 250 20.67 -28.99 -0.26
C PRO A 250 20.04 -28.55 -1.56
N VAL A 251 18.71 -28.65 -1.68
CA VAL A 251 18.04 -28.19 -2.89
C VAL A 251 18.26 -26.70 -3.09
N ALA A 252 18.00 -25.91 -2.04
CA ALA A 252 18.27 -24.47 -2.10
C ALA A 252 19.70 -24.20 -2.54
N ASP A 253 20.65 -24.94 -1.97
CA ASP A 253 22.05 -24.85 -2.38
C ASP A 253 22.20 -25.17 -3.87
N ALA A 254 21.68 -26.32 -4.29
CA ALA A 254 21.80 -26.71 -5.70
C ALA A 254 21.08 -25.74 -6.61
N VAL A 255 19.87 -25.32 -6.22
CA VAL A 255 19.17 -24.27 -6.94
C VAL A 255 20.04 -23.03 -7.05
N ALA A 256 20.60 -22.60 -5.92
CA ALA A 256 21.51 -21.46 -5.92
C ALA A 256 22.70 -21.66 -6.85
N MET A 257 23.12 -22.90 -7.08
CA MET A 257 24.20 -23.12 -8.03
C MET A 257 23.72 -22.93 -9.47
N LEU A 258 22.49 -23.31 -9.77
CA LEU A 258 21.99 -23.31 -11.14
C LEU A 258 21.98 -21.90 -11.73
N LEU A 259 21.17 -21.01 -11.18
CA LEU A 259 20.98 -19.69 -11.76
C LEU A 259 22.23 -18.81 -11.62
N ALA A 260 23.13 -19.13 -10.69
CA ALA A 260 24.38 -18.39 -10.57
C ALA A 260 25.32 -18.63 -11.75
N GLY A 261 25.03 -19.62 -12.59
CA GLY A 261 25.86 -19.93 -13.73
C GLY A 261 26.83 -21.06 -13.47
N ASN A 262 26.35 -22.15 -12.87
CA ASN A 262 27.17 -23.30 -12.58
C ASN A 262 26.61 -24.54 -13.27
N LYS A 263 27.48 -25.54 -13.42
CA LYS A 263 27.05 -26.86 -13.87
C LYS A 263 26.65 -27.70 -12.66
N LEU A 264 25.67 -28.56 -12.85
CA LEU A 264 25.07 -29.32 -11.76
C LEU A 264 25.32 -30.81 -11.96
N SER A 265 26.14 -31.39 -11.07
CA SER A 265 26.46 -32.80 -11.12
C SER A 265 25.19 -33.64 -11.10
N ASN A 266 25.26 -34.81 -11.76
CA ASN A 266 24.12 -35.72 -11.74
C ASN A 266 23.77 -36.14 -10.32
N ASP A 267 24.79 -36.35 -9.48
CA ASP A 267 24.55 -36.69 -8.08
C ASP A 267 23.80 -35.57 -7.36
N GLU A 268 24.16 -34.31 -7.64
CA GLU A 268 23.42 -33.18 -7.10
C GLU A 268 21.98 -33.21 -7.60
N LEU A 269 21.80 -33.25 -8.92
CA LEU A 269 20.48 -33.12 -9.55
C LEU A 269 19.51 -34.22 -9.15
N ASN A 270 19.99 -35.33 -8.60
CA ASN A 270 19.06 -36.31 -8.04
C ASN A 270 18.83 -36.03 -6.55
N MET A 271 18.58 -34.76 -6.25
CA MET A 271 17.96 -34.23 -5.05
C MET A 271 16.89 -33.22 -5.39
N LEU A 272 17.12 -32.39 -6.42
CA LEU A 272 16.03 -31.67 -7.07
C LEU A 272 14.98 -32.65 -7.58
N GLY A 273 15.43 -33.78 -8.14
CA GLY A 273 14.49 -34.80 -8.59
C GLY A 273 13.65 -35.36 -7.46
N GLU A 274 14.23 -35.44 -6.26
CA GLU A 274 13.48 -35.95 -5.12
C GLU A 274 12.42 -34.95 -4.65
N MET A 275 12.75 -33.65 -4.71
CA MET A 275 11.78 -32.63 -4.30
C MET A 275 10.53 -32.70 -5.17
N ILE A 276 10.67 -32.50 -6.48
CA ILE A 276 9.54 -32.66 -7.38
C ILE A 276 9.29 -34.15 -7.56
N GLY A 277 8.31 -34.69 -6.84
CA GLY A 277 8.08 -36.12 -6.80
C GLY A 277 7.37 -36.66 -8.03
N GLU A 278 8.05 -36.64 -9.17
CA GLU A 278 7.50 -37.20 -10.40
C GLU A 278 8.51 -38.16 -11.01
N GLN A 279 8.27 -38.62 -12.24
CA GLN A 279 9.15 -39.58 -12.90
C GLN A 279 9.68 -39.14 -14.26
N ASP A 280 9.12 -38.10 -14.89
CA ASP A 280 9.60 -37.60 -16.17
C ASP A 280 10.40 -36.31 -16.02
N ILE A 281 11.15 -36.17 -14.93
CA ILE A 281 11.91 -34.94 -14.69
C ILE A 281 13.10 -34.84 -15.65
N GLU A 282 13.72 -35.97 -15.98
CA GLU A 282 15.03 -35.97 -16.62
C GLU A 282 15.13 -35.13 -17.88
N PRO A 283 14.25 -35.26 -18.89
CA PRO A 283 14.41 -34.43 -20.10
C PRO A 283 14.35 -32.94 -19.79
N LEU A 284 13.35 -32.51 -19.02
CA LEU A 284 13.29 -31.12 -18.57
C LEU A 284 14.45 -30.79 -17.64
N LEU A 285 15.01 -31.80 -16.97
CA LEU A 285 16.05 -31.53 -15.97
C LEU A 285 17.37 -31.10 -16.62
N GLN A 286 17.69 -31.66 -17.78
CA GLN A 286 19.02 -31.46 -18.37
C GLN A 286 19.11 -30.22 -19.25
N ALA A 287 18.07 -29.94 -20.03
CA ALA A 287 18.08 -28.73 -20.85
C ALA A 287 18.33 -27.49 -20.00
N ALA A 288 17.75 -27.43 -18.81
CA ALA A 288 18.02 -26.33 -17.90
C ALA A 288 19.47 -26.32 -17.44
N ASN A 289 20.12 -27.48 -17.43
CA ASN A 289 21.48 -27.60 -16.92
C ASN A 289 22.54 -27.72 -18.02
N SER A 290 22.22 -28.38 -19.14
CA SER A 290 23.18 -28.46 -20.23
C SER A 290 23.39 -27.12 -20.92
N ASP A 291 22.48 -26.17 -20.71
CA ASP A 291 22.52 -24.85 -21.36
C ASP A 291 22.43 -24.96 -22.88
N SER A 292 21.43 -25.71 -23.35
CA SER A 292 21.08 -25.70 -24.75
C SER A 292 20.38 -24.38 -25.07
N GLU A 293 19.84 -24.25 -26.29
CA GLU A 293 19.25 -22.99 -26.70
C GLU A 293 18.12 -22.57 -25.77
N ASP A 294 17.26 -23.51 -25.36
CA ASP A 294 16.10 -23.21 -24.54
C ASP A 294 16.32 -23.56 -23.07
N ALA A 295 17.56 -23.45 -22.57
CA ALA A 295 17.81 -23.62 -21.15
C ALA A 295 17.09 -22.59 -20.32
N GLN A 296 16.77 -21.43 -20.91
CA GLN A 296 16.03 -20.40 -20.20
C GLN A 296 14.62 -20.87 -19.87
N SER A 297 13.95 -21.48 -20.83
CA SER A 297 12.60 -21.99 -20.60
C SER A 297 12.59 -23.25 -19.75
N ALA A 298 13.67 -24.03 -19.80
CA ALA A 298 13.74 -25.23 -18.98
C ALA A 298 14.04 -24.90 -17.52
N ARG A 299 14.74 -23.80 -17.25
CA ARG A 299 14.95 -23.38 -15.87
C ARG A 299 13.66 -22.86 -15.24
N GLN A 300 12.89 -22.07 -16.00
CA GLN A 300 11.77 -21.36 -15.41
C GLN A 300 10.59 -22.27 -15.13
N GLU A 301 10.33 -23.25 -16.01
CA GLU A 301 9.32 -24.24 -15.67
C GLU A 301 9.81 -25.19 -14.59
N LEU A 302 11.11 -25.50 -14.58
CA LEU A 302 11.69 -26.32 -13.52
C LEU A 302 11.49 -25.67 -12.16
N VAL A 303 11.91 -24.41 -12.01
CA VAL A 303 11.81 -23.75 -10.71
C VAL A 303 10.37 -23.68 -10.24
N SER A 304 9.45 -23.40 -11.17
CA SER A 304 8.03 -23.24 -10.81
C SER A 304 7.50 -24.50 -10.12
N MET A 305 7.77 -25.67 -10.70
CA MET A 305 7.34 -26.91 -10.06
C MET A 305 7.99 -27.12 -8.71
N LEU A 306 9.25 -26.69 -8.56
CA LEU A 306 9.92 -26.81 -7.27
C LEU A 306 9.20 -26.02 -6.18
N MET A 307 8.78 -24.79 -6.50
CA MET A 307 8.16 -23.92 -5.50
C MET A 307 6.89 -24.53 -4.94
N ASP A 308 6.12 -25.22 -5.79
CA ASP A 308 4.84 -25.78 -5.34
C ASP A 308 5.02 -26.86 -4.27
N ARG A 309 6.21 -27.41 -4.13
CA ARG A 309 6.50 -28.39 -3.08
C ARG A 309 7.17 -27.79 -1.86
N HIS A 310 7.49 -26.49 -1.89
CA HIS A 310 8.12 -25.85 -0.73
C HIS A 310 7.19 -25.93 0.47
N GLY A 311 7.79 -26.17 1.64
CA GLY A 311 7.00 -26.47 2.82
C GLY A 311 6.32 -25.28 3.47
N THR A 312 6.78 -24.06 3.18
CA THR A 312 6.26 -22.89 3.87
C THR A 312 5.93 -21.69 2.99
N SER A 313 6.50 -21.58 1.76
CA SER A 313 6.42 -20.36 0.96
C SER A 313 4.99 -19.95 0.61
N ARG A 314 4.05 -20.85 0.68
CA ARG A 314 2.65 -20.48 0.46
C ARG A 314 2.10 -19.68 1.62
N VAL A 315 2.60 -19.91 2.85
CA VAL A 315 2.11 -19.30 4.09
C VAL A 315 3.14 -18.34 4.69
N LEU A 316 4.28 -18.14 4.03
CA LEU A 316 5.35 -17.28 4.52
C LEU A 316 5.97 -16.54 3.34
N PHE A 317 6.04 -15.22 3.45
CA PHE A 317 6.55 -14.35 2.41
C PHE A 317 7.73 -13.57 2.97
N ARG A 318 8.92 -13.79 2.42
CA ARG A 318 10.13 -13.11 2.87
C ARG A 318 10.90 -12.62 1.65
N ASN A 319 10.65 -11.35 1.28
CA ASN A 319 11.42 -10.70 0.24
C ASN A 319 12.66 -10.08 0.86
N THR A 320 13.81 -10.31 0.24
CA THR A 320 15.06 -9.71 0.67
C THR A 320 15.45 -8.59 -0.30
N ARG A 321 16.34 -7.71 0.17
CA ARG A 321 16.86 -6.67 -0.71
C ARG A 321 17.71 -7.22 -1.83
N ASN A 322 18.10 -8.50 -1.78
CA ASN A 322 18.86 -9.14 -2.84
C ASN A 322 17.98 -9.83 -3.86
N GLY A 323 16.82 -10.33 -3.45
CA GLY A 323 15.86 -10.92 -4.36
C GLY A 323 14.89 -9.94 -4.98
N VAL A 324 15.14 -8.64 -4.84
CA VAL A 324 14.25 -7.59 -5.34
C VAL A 324 15.11 -6.52 -6.00
N LYS A 325 14.78 -6.16 -7.24
CA LYS A 325 15.45 -5.07 -7.93
C LYS A 325 14.62 -3.79 -7.84
N GLY A 326 15.27 -2.67 -8.13
CA GLY A 326 14.63 -1.36 -8.15
C GLY A 326 15.24 -0.36 -7.19
N PHE A 327 15.90 -0.81 -6.13
CA PHE A 327 16.48 0.11 -5.15
C PHE A 327 17.61 0.93 -5.80
N PRO A 328 17.74 2.19 -5.42
CA PRO A 328 18.82 3.00 -5.97
C PRO A 328 20.16 2.69 -5.31
N LYS A 329 21.23 2.92 -6.06
CA LYS A 329 22.56 2.82 -5.49
C LYS A 329 22.84 4.01 -4.58
N ARG A 330 23.80 3.84 -3.68
CA ARG A 330 24.11 4.85 -2.67
C ARG A 330 25.60 5.13 -2.69
N GLU A 331 25.95 6.38 -2.99
CA GLU A 331 27.34 6.80 -3.14
C GLU A 331 27.69 7.77 -2.01
N LEU A 332 28.91 7.64 -1.49
CA LEU A 332 29.35 8.41 -0.34
C LEU A 332 30.30 9.53 -0.76
N HIS A 333 30.25 10.63 -0.01
CA HIS A 333 31.14 11.78 -0.20
C HIS A 333 31.51 12.29 1.18
N THR A 334 32.80 12.22 1.52
CA THR A 334 33.28 12.63 2.82
C THR A 334 34.15 13.87 2.70
N ILE A 335 34.08 14.74 3.71
CA ILE A 335 34.78 16.02 3.72
C ILE A 335 35.41 16.21 5.10
N LYS A 336 36.75 16.31 5.13
CA LYS A 336 37.48 16.45 6.38
C LYS A 336 37.73 17.92 6.64
N LEU A 337 37.17 18.43 7.74
CA LEU A 337 37.21 19.85 8.07
C LEU A 337 38.10 20.10 9.28
N PRO A 338 38.77 21.25 9.33
CA PRO A 338 39.58 21.56 10.52
C PRO A 338 38.71 21.83 11.73
N LEU A 339 39.00 21.11 12.82
CA LEU A 339 38.32 21.31 14.10
C LEU A 339 38.62 22.71 14.61
N PRO A 340 37.63 23.59 14.65
CA PRO A 340 37.88 24.97 15.10
C PRO A 340 38.26 25.01 16.58
N THR A 341 39.12 25.98 16.91
CA THR A 341 39.69 26.04 18.26
C THR A 341 38.63 26.31 19.32
N GLN A 342 37.54 27.00 18.95
CA GLN A 342 36.49 27.30 19.92
C GLN A 342 35.89 26.04 20.52
N TYR A 343 35.87 24.95 19.74
CA TYR A 343 35.37 23.67 20.25
C TYR A 343 36.41 22.96 21.10
N GLN A 344 37.68 22.98 20.68
CA GLN A 344 38.75 22.37 21.45
C GLN A 344 38.69 22.80 22.92
N THR A 345 38.55 24.10 23.16
CA THR A 345 38.39 24.57 24.52
C THR A 345 37.06 24.11 25.12
N ALA A 346 36.01 24.06 24.29
CA ALA A 346 34.70 23.68 24.80
C ALA A 346 34.67 22.22 25.27
N ILE A 347 35.42 21.35 24.62
CA ILE A 347 35.39 19.94 25.01
C ILE A 347 36.27 19.70 26.24
N LYS A 348 37.39 20.41 26.36
CA LYS A 348 38.26 20.25 27.52
C LYS A 348 37.56 20.69 28.80
N VAL A 349 36.61 21.62 28.69
CA VAL A 349 35.80 21.98 29.85
C VAL A 349 34.91 20.83 30.26
N SER A 350 34.24 20.20 29.29
CA SER A 350 33.52 18.96 29.57
C SER A 350 34.44 17.88 30.10
N GLY A 351 35.71 17.87 29.67
CA GLY A 351 36.68 16.93 30.18
C GLY A 351 36.91 17.07 31.67
N ILE A 352 37.25 18.28 32.12
CA ILE A 352 37.46 18.52 33.55
C ILE A 352 36.16 18.29 34.31
N MET A 353 35.10 19.02 33.93
CA MET A 353 33.82 18.84 34.58
C MET A 353 33.24 17.44 34.38
N GLY A 354 33.73 16.70 33.39
CA GLY A 354 33.34 15.31 33.23
C GLY A 354 34.16 14.40 34.10
N ALA A 355 34.01 14.56 35.42
CA ALA A 355 34.76 13.75 36.37
C ALA A 355 34.10 12.39 36.56
N ARG A 356 32.83 12.38 36.99
CA ARG A 356 32.13 11.13 37.32
C ARG A 356 31.00 10.90 36.31
N LYS A 357 31.33 10.23 35.21
CA LYS A 357 30.31 9.78 34.27
C LYS A 357 30.91 8.70 33.38
N SER A 358 30.08 7.70 33.05
CA SER A 358 30.54 6.55 32.30
C SER A 358 31.04 6.98 30.93
N ALA A 359 32.04 6.24 30.42
CA ALA A 359 32.46 6.41 29.04
C ALA A 359 31.29 6.26 28.09
N GLU A 360 30.29 5.48 28.48
CA GLU A 360 29.05 5.38 27.71
C GLU A 360 28.42 6.76 27.52
N ASP A 361 28.33 7.54 28.59
CA ASP A 361 27.73 8.87 28.52
C ASP A 361 28.74 9.98 28.23
N ARG A 362 29.99 9.80 28.66
CA ARG A 362 31.05 10.72 28.23
C ARG A 362 31.14 10.77 26.72
N ALA A 363 31.08 9.61 26.06
CA ALA A 363 31.11 9.58 24.61
C ALA A 363 29.82 10.15 24.01
N ARG A 364 28.71 10.07 24.73
CA ARG A 364 27.47 10.66 24.23
C ARG A 364 27.59 12.17 24.11
N ASP A 365 28.46 12.79 24.93
CA ASP A 365 28.70 14.23 24.83
C ASP A 365 29.56 14.56 23.61
N MET A 366 30.66 13.82 23.43
CA MET A 366 31.62 14.12 22.37
C MET A 366 31.01 14.04 20.97
N LEU A 367 29.82 13.44 20.85
CA LEU A 367 29.18 13.28 19.55
C LEU A 367 28.96 14.63 18.87
N TYR A 368 28.34 15.56 19.57
CA TYR A 368 27.86 16.80 18.96
C TYR A 368 28.57 18.00 19.58
N PRO A 369 29.63 18.50 18.94
CA PRO A 369 30.34 19.68 19.50
C PRO A 369 29.44 20.89 19.62
N GLU A 370 28.48 21.04 18.72
CA GLU A 370 27.61 22.21 18.72
C GLU A 370 26.89 22.40 20.05
N ARG A 371 26.50 21.31 20.70
CA ARG A 371 25.58 21.37 21.84
C ARG A 371 26.27 21.27 23.20
N ILE A 372 27.61 21.21 23.24
CA ILE A 372 28.32 21.46 24.49
C ILE A 372 28.93 22.86 24.51
N TYR A 373 29.18 23.45 23.34
CA TYR A 373 29.50 24.87 23.27
C TYR A 373 28.34 25.75 23.71
N GLN A 374 27.13 25.18 23.77
CA GLN A 374 25.94 25.86 24.26
C GLN A 374 25.72 25.62 25.75
N GLU A 375 26.55 24.82 26.40
CA GLU A 375 26.48 24.64 27.84
C GLU A 375 27.60 25.34 28.60
N PHE A 376 28.74 25.56 27.95
CA PHE A 376 29.89 26.19 28.59
C PHE A 376 30.12 27.62 28.15
N GLU A 377 29.79 27.97 26.90
CA GLU A 377 29.73 29.35 26.46
C GLU A 377 28.32 29.92 26.57
N GLY A 378 27.46 29.30 27.37
CA GLY A 378 26.08 29.75 27.51
C GLY A 378 25.21 29.31 26.36
N ASP A 379 23.93 29.04 26.65
CA ASP A 379 22.97 28.68 25.61
C ASP A 379 22.94 29.76 24.53
N ASN A 380 22.62 29.34 23.31
CA ASN A 380 22.56 30.18 22.11
C ASN A 380 23.91 30.73 21.68
N ALA A 381 25.01 30.19 22.20
CA ALA A 381 26.33 30.62 21.78
C ALA A 381 26.46 30.54 20.26
N THR A 382 27.00 31.60 19.67
CA THR A 382 26.96 31.75 18.22
C THR A 382 27.93 30.77 17.53
N TRP A 383 27.64 29.48 17.62
CA TRP A 383 28.51 28.48 17.04
C TRP A 383 28.44 28.45 15.52
N TRP A 384 27.44 29.10 14.92
CA TRP A 384 27.25 29.08 13.48
C TRP A 384 28.17 30.05 12.73
N ASN A 385 29.17 30.62 13.41
CA ASN A 385 30.11 31.53 12.78
C ASN A 385 31.48 30.94 12.51
N PHE A 386 31.93 29.99 13.35
CA PHE A 386 33.25 29.38 13.19
C PHE A 386 33.21 27.93 12.78
N ASP A 387 32.04 27.27 12.86
CA ASP A 387 31.94 25.85 12.56
C ASP A 387 32.07 25.63 11.06
N PRO A 388 33.06 24.88 10.59
CA PRO A 388 33.24 24.70 9.14
C PRO A 388 32.13 23.91 8.48
N ARG A 389 31.40 23.07 9.22
CA ARG A 389 30.29 22.32 8.63
C ARG A 389 29.26 23.26 8.03
N VAL A 390 28.95 24.36 8.72
CA VAL A 390 27.97 25.31 8.20
C VAL A 390 28.47 25.94 6.90
N GLU A 391 29.74 26.37 6.89
CA GLU A 391 30.32 26.93 5.68
C GLU A 391 30.22 25.97 4.51
N TRP A 392 30.51 24.69 4.74
CA TRP A 392 30.40 23.70 3.68
C TRP A 392 28.96 23.57 3.20
N LEU A 393 28.00 23.58 4.13
CA LEU A 393 26.59 23.41 3.77
C LEU A 393 26.14 24.52 2.84
N MET A 394 26.34 25.78 3.24
CA MET A 394 26.01 26.91 2.39
C MET A 394 26.66 26.78 1.02
N GLY A 395 27.99 26.65 1.00
CA GLY A 395 28.71 26.53 -0.26
C GLY A 395 28.15 25.44 -1.15
N TYR A 396 27.85 24.28 -0.57
CA TYR A 396 27.26 23.20 -1.35
C TYR A 396 25.86 23.55 -1.83
N LEU A 397 25.06 24.19 -0.98
CA LEU A 397 23.68 24.51 -1.35
C LEU A 397 23.63 25.57 -2.45
N THR A 398 24.38 26.66 -2.27
CA THR A 398 24.37 27.73 -3.26
C THR A 398 24.95 27.30 -4.60
N SER A 399 25.68 26.19 -4.64
CA SER A 399 26.28 25.69 -5.87
C SER A 399 25.43 24.62 -6.56
N HIS A 400 24.41 24.12 -5.89
CA HIS A 400 23.48 23.13 -6.44
C HIS A 400 22.04 23.56 -6.19
N ARG A 401 21.76 24.83 -6.45
CA ARG A 401 20.46 25.42 -6.10
C ARG A 401 19.29 24.68 -6.74
N SER A 402 19.51 23.95 -7.82
CA SER A 402 18.45 23.25 -8.53
C SER A 402 18.28 21.79 -8.08
N GLN A 403 18.72 21.46 -6.86
CA GLN A 403 18.64 20.10 -6.36
C GLN A 403 18.00 20.09 -4.99
N LYS A 404 17.05 19.19 -4.77
CA LYS A 404 16.40 19.04 -3.48
C LYS A 404 17.31 18.22 -2.56
N VAL A 405 17.61 18.76 -1.38
CA VAL A 405 18.60 18.20 -0.48
C VAL A 405 17.96 17.91 0.87
N LEU A 406 18.11 16.68 1.34
CA LEU A 406 17.66 16.28 2.68
C LEU A 406 18.84 16.40 3.62
N VAL A 407 18.71 17.26 4.63
CA VAL A 407 19.77 17.51 5.60
C VAL A 407 19.30 17.00 6.95
N ILE A 408 20.01 16.00 7.48
CA ILE A 408 19.62 15.32 8.71
C ILE A 408 20.67 15.62 9.78
N CYS A 409 20.20 16.06 10.94
CA CYS A 409 21.05 16.26 12.11
C CYS A 409 20.39 15.58 13.31
N ALA A 410 21.13 15.55 14.42
CA ALA A 410 20.69 14.75 15.57
C ALA A 410 19.47 15.35 16.25
N LYS A 411 19.57 16.61 16.66
CA LYS A 411 18.55 17.22 17.50
C LYS A 411 17.85 18.35 16.77
N ALA A 412 16.57 18.55 17.11
CA ALA A 412 15.75 19.57 16.45
C ALA A 412 16.32 20.96 16.68
N ALA A 413 16.88 21.20 17.86
CA ALA A 413 17.46 22.51 18.18
C ALA A 413 18.48 22.92 17.13
N THR A 414 19.41 22.02 16.80
CA THR A 414 20.41 22.31 15.76
C THR A 414 19.75 22.57 14.41
N ALA A 415 18.64 21.88 14.12
CA ALA A 415 17.98 22.06 12.83
C ALA A 415 17.32 23.43 12.74
N LEU A 416 16.65 23.87 13.82
CA LEU A 416 16.01 25.18 13.79
C LEU A 416 17.03 26.30 13.66
N GLN A 417 18.17 26.17 14.35
CA GLN A 417 19.22 27.18 14.22
C GLN A 417 19.81 27.19 12.82
N LEU A 418 19.93 26.00 12.20
CA LEU A 418 20.49 25.93 10.85
C LEU A 418 19.56 26.59 9.83
N GLU A 419 18.25 26.36 9.95
CA GLU A 419 17.29 26.99 9.05
C GLU A 419 17.44 28.51 9.08
N GLN A 420 17.51 29.07 10.29
CA GLN A 420 17.59 30.52 10.44
C GLN A 420 18.84 31.06 9.75
N VAL A 421 19.95 30.34 9.86
CA VAL A 421 21.22 30.84 9.33
C VAL A 421 21.29 30.68 7.81
N LEU A 422 20.79 29.56 7.27
CA LEU A 422 20.73 29.40 5.82
C LEU A 422 19.80 30.42 5.18
N ARG A 423 18.76 30.85 5.91
CA ARG A 423 17.85 31.85 5.39
C ARG A 423 18.44 33.26 5.52
N GLU A 424 18.84 33.65 6.72
CA GLU A 424 19.24 35.02 7.00
C GLU A 424 20.63 35.37 6.49
N ARG A 425 21.35 34.42 5.88
CA ARG A 425 22.67 34.74 5.35
C ARG A 425 22.92 34.21 3.94
N GLU A 426 22.02 33.41 3.36
CA GLU A 426 22.16 33.00 1.96
C GLU A 426 20.86 33.00 1.19
N GLY A 427 19.74 33.41 1.79
CA GLY A 427 18.47 33.37 1.10
C GLY A 427 18.08 31.99 0.63
N ILE A 428 18.43 30.97 1.40
CA ILE A 428 18.12 29.59 1.05
C ILE A 428 16.76 29.24 1.63
N ARG A 429 15.88 28.69 0.80
CA ARG A 429 14.57 28.23 1.27
C ARG A 429 14.74 26.85 1.88
N ALA A 430 14.43 26.72 3.17
CA ALA A 430 14.66 25.48 3.90
C ALA A 430 13.54 25.28 4.90
N ALA A 431 12.82 24.17 4.78
CA ALA A 431 11.78 23.80 5.71
C ALA A 431 12.34 22.85 6.75
N VAL A 432 11.92 23.02 8.00
CA VAL A 432 12.33 22.12 9.08
C VAL A 432 11.30 21.02 9.22
N PHE A 433 11.79 19.78 9.40
CA PHE A 433 10.92 18.61 9.47
C PHE A 433 11.37 17.75 10.64
N HIS A 434 10.82 18.03 11.82
CA HIS A 434 11.13 17.26 13.02
C HIS A 434 9.86 16.62 13.55
N GLU A 435 10.02 15.80 14.60
CA GLU A 435 8.91 14.99 15.08
C GLU A 435 7.97 15.79 15.99
N GLY A 436 8.49 16.79 16.70
CA GLY A 436 7.63 17.63 17.53
C GLY A 436 6.53 18.33 16.75
N MET A 437 6.71 18.50 15.45
CA MET A 437 5.68 19.13 14.62
C MET A 437 4.44 18.26 14.53
N SER A 438 3.28 18.91 14.42
CA SER A 438 2.03 18.19 14.23
C SER A 438 1.95 17.64 12.82
N ILE A 439 0.82 17.01 12.50
CA ILE A 439 0.65 16.41 11.18
C ILE A 439 0.45 17.47 10.10
N ILE A 440 -0.29 18.54 10.42
CA ILE A 440 -0.54 19.58 9.44
C ILE A 440 0.76 20.33 9.11
N GLU A 441 1.58 20.59 10.14
CA GLU A 441 2.86 21.26 9.91
C GLU A 441 3.75 20.45 9.00
N ARG A 442 3.89 19.15 9.28
CA ARG A 442 4.74 18.29 8.45
C ARG A 442 4.23 18.26 7.01
N ASP A 443 2.91 18.21 6.83
CA ASP A 443 2.35 18.30 5.48
C ASP A 443 2.74 19.63 4.83
N ARG A 444 2.65 20.72 5.59
CA ARG A 444 3.01 22.04 5.06
C ARG A 444 4.47 22.05 4.61
N ALA A 445 5.37 21.49 5.41
CA ALA A 445 6.79 21.46 5.04
C ALA A 445 7.04 20.51 3.87
N ALA A 446 6.39 19.34 3.89
CA ALA A 446 6.54 18.40 2.77
C ALA A 446 6.08 19.02 1.46
N ALA A 447 4.97 19.76 1.49
CA ALA A 447 4.47 20.43 0.30
C ALA A 447 5.50 21.42 -0.24
N TRP A 448 5.99 22.31 0.62
CA TRP A 448 6.96 23.31 0.21
C TRP A 448 8.21 22.63 -0.36
N PHE A 449 8.70 21.59 0.32
CA PHE A 449 9.87 20.88 -0.16
C PHE A 449 9.58 20.12 -1.46
N ALA A 450 8.31 19.80 -1.71
CA ALA A 450 7.98 19.08 -2.94
C ALA A 450 7.75 20.00 -4.13
N GLU A 451 7.66 21.30 -3.91
CA GLU A 451 7.42 22.24 -5.02
C GLU A 451 8.57 22.19 -6.00
N GLU A 452 8.24 21.89 -7.26
CA GLU A 452 9.24 21.54 -8.28
C GLU A 452 10.45 22.47 -8.30
N ASP A 453 10.21 23.78 -8.39
CA ASP A 453 11.34 24.71 -8.41
C ASP A 453 11.16 26.01 -7.61
N THR A 454 9.99 26.26 -7.01
CA THR A 454 9.77 27.50 -6.28
C THR A 454 9.71 27.31 -4.79
N GLY A 455 9.88 26.09 -4.29
CA GLY A 455 9.71 25.78 -2.89
C GLY A 455 11.03 25.64 -2.15
N ALA A 456 10.97 24.94 -1.03
CA ALA A 456 12.15 24.73 -0.22
C ALA A 456 13.15 23.86 -0.96
N GLN A 457 14.41 24.33 -1.02
CA GLN A 457 15.48 23.52 -1.57
C GLN A 457 15.92 22.44 -0.58
N VAL A 458 15.79 22.72 0.71
CA VAL A 458 16.36 21.89 1.77
C VAL A 458 15.26 21.51 2.75
N LEU A 459 15.37 20.30 3.31
CA LEU A 459 14.51 19.85 4.40
C LEU A 459 15.43 19.49 5.56
N LEU A 460 15.55 20.40 6.54
CA LEU A 460 16.37 20.16 7.71
C LEU A 460 15.59 19.33 8.70
N CYS A 461 15.94 18.06 8.84
CA CYS A 461 15.25 17.14 9.73
C CYS A 461 16.10 16.88 10.95
N SER A 462 15.46 16.92 12.13
CA SER A 462 16.07 16.36 13.33
C SER A 462 16.19 14.86 13.12
N GLU A 463 16.69 14.12 14.10
CA GLU A 463 16.78 12.67 13.94
C GLU A 463 15.49 12.13 13.36
N ILE A 464 15.59 11.55 12.16
CA ILE A 464 14.44 11.44 11.27
C ILE A 464 13.30 10.68 11.93
N GLY A 465 12.08 11.04 11.55
CA GLY A 465 10.93 10.22 11.89
C GLY A 465 11.07 8.82 11.31
N SER A 466 10.18 7.94 11.78
CA SER A 466 10.27 6.51 11.46
C SER A 466 9.36 6.22 10.27
N GLU A 467 9.95 6.21 9.07
CA GLU A 467 9.30 5.68 7.87
C GLU A 467 7.96 6.36 7.58
N GLY A 468 8.06 7.65 7.30
CA GLY A 468 6.89 8.43 6.91
C GLY A 468 6.65 8.48 5.42
N ARG A 469 6.60 9.68 4.87
CA ARG A 469 6.25 9.91 3.47
C ARG A 469 7.44 9.69 2.54
N ASN A 470 7.13 9.58 1.25
CA ASN A 470 8.14 9.33 0.22
C ASN A 470 8.62 10.64 -0.40
N PHE A 471 9.92 10.92 -0.29
CA PHE A 471 10.53 12.02 -1.04
C PHE A 471 11.23 11.44 -2.28
N GLN A 472 10.41 10.95 -3.21
CA GLN A 472 10.91 10.33 -4.42
C GLN A 472 11.67 11.32 -5.30
N PHE A 473 11.44 12.62 -5.12
CA PHE A 473 12.14 13.63 -5.91
C PHE A 473 13.52 13.97 -5.35
N ALA A 474 13.78 13.63 -4.10
CA ALA A 474 15.05 13.96 -3.45
C ALA A 474 16.06 12.83 -3.66
N SER A 475 17.27 13.20 -4.09
CA SER A 475 18.32 12.23 -4.32
C SER A 475 19.63 12.57 -3.62
N HIS A 476 19.68 13.66 -2.86
CA HIS A 476 20.89 14.08 -2.16
C HIS A 476 20.60 14.16 -0.66
N MET A 477 21.50 13.59 0.13
CA MET A 477 21.36 13.57 1.59
C MET A 477 22.65 14.08 2.21
N VAL A 478 22.52 14.90 3.24
CA VAL A 478 23.66 15.43 3.98
C VAL A 478 23.53 15.00 5.43
N MET A 479 24.61 14.44 5.97
CA MET A 479 24.70 14.07 7.37
C MET A 479 25.44 15.19 8.09
N PHE A 480 24.70 16.12 8.69
CA PHE A 480 25.34 17.15 9.50
C PHE A 480 26.06 16.53 10.69
N ASP A 481 25.57 15.39 11.17
CA ASP A 481 26.25 14.59 12.18
C ASP A 481 25.85 13.14 11.97
N LEU A 482 26.44 12.26 12.77
CA LEU A 482 26.14 10.83 12.68
C LEU A 482 25.72 10.31 14.04
N PRO A 483 24.70 9.46 14.09
CA PRO A 483 24.26 8.91 15.38
C PRO A 483 25.25 7.87 15.85
N PHE A 484 25.05 7.43 17.10
CA PHE A 484 25.91 6.40 17.66
C PHE A 484 25.59 5.04 17.04
N ASN A 485 24.35 4.57 17.20
CA ASN A 485 24.12 3.18 16.80
C ASN A 485 23.82 3.09 15.31
N PRO A 486 24.17 1.96 14.68
CA PRO A 486 24.04 1.84 13.22
C PRO A 486 22.62 1.67 12.73
N ASP A 487 21.65 1.37 13.61
CA ASP A 487 20.27 1.23 13.15
C ASP A 487 19.69 2.57 12.73
N LEU A 488 19.93 3.61 13.52
CA LEU A 488 19.47 4.94 13.14
C LEU A 488 20.15 5.43 11.87
N LEU A 489 21.43 5.06 11.69
CA LEU A 489 22.15 5.42 10.47
C LEU A 489 21.44 4.88 9.23
N GLU A 490 21.07 3.60 9.26
CA GLU A 490 20.36 3.03 8.13
C GLU A 490 18.94 3.57 8.03
N GLN A 491 18.36 4.01 9.16
CA GLN A 491 17.01 4.58 9.13
C GLN A 491 17.01 5.91 8.39
N ARG A 492 17.98 6.78 8.67
CA ARG A 492 18.10 8.05 7.95
C ARG A 492 18.13 7.82 6.45
N ILE A 493 19.06 6.98 5.98
CA ILE A 493 19.14 6.62 4.57
C ILE A 493 17.85 5.95 4.09
N GLY A 494 17.03 5.43 5.01
CA GLY A 494 15.83 4.73 4.60
C GLY A 494 14.80 5.61 3.90
N ARG A 495 14.66 6.86 4.36
CA ARG A 495 13.69 7.76 3.77
C ARG A 495 13.93 7.99 2.28
N LEU A 496 15.16 7.76 1.80
CA LEU A 496 15.50 7.90 0.39
C LEU A 496 15.73 6.57 -0.32
N ASP A 497 16.40 5.62 0.33
CA ASP A 497 16.70 4.33 -0.31
C ASP A 497 15.42 3.51 -0.38
N ARG A 498 14.56 3.85 -1.34
CA ARG A 498 13.30 3.17 -1.55
C ARG A 498 13.11 2.93 -3.05
N ILE A 499 12.30 1.92 -3.36
CA ILE A 499 11.94 1.65 -4.75
C ILE A 499 11.03 2.76 -5.24
N GLY A 500 11.38 3.34 -6.39
CA GLY A 500 10.60 4.41 -6.98
C GLY A 500 11.23 5.78 -6.92
N GLN A 501 12.49 5.89 -6.50
CA GLN A 501 13.15 7.18 -6.44
C GLN A 501 13.54 7.65 -7.84
N ALA A 502 13.88 8.94 -7.92
CA ALA A 502 14.28 9.53 -9.20
C ALA A 502 15.62 8.95 -9.65
N HIS A 503 16.67 9.13 -8.84
CA HIS A 503 18.01 8.70 -9.21
C HIS A 503 18.64 8.02 -8.00
N ASP A 504 19.93 7.73 -8.11
CA ASP A 504 20.68 7.16 -7.00
C ASP A 504 20.87 8.21 -5.90
N ILE A 505 21.25 7.73 -4.71
CA ILE A 505 21.38 8.58 -3.54
C ILE A 505 22.83 9.01 -3.40
N GLN A 506 23.05 10.29 -3.15
CA GLN A 506 24.37 10.84 -2.87
C GLN A 506 24.39 11.25 -1.40
N ILE A 507 25.29 10.65 -0.63
CA ILE A 507 25.41 10.93 0.80
C ILE A 507 26.66 11.77 1.01
N HIS A 508 26.50 12.92 1.64
CA HIS A 508 27.61 13.82 1.93
C HIS A 508 27.78 13.92 3.44
N VAL A 509 28.97 13.62 3.93
CA VAL A 509 29.23 13.60 5.36
C VAL A 509 30.37 14.57 5.70
N PRO A 510 30.08 15.85 5.92
CA PRO A 510 31.12 16.77 6.39
C PRO A 510 31.34 16.57 7.89
N TYR A 511 32.56 16.19 8.27
CA TYR A 511 32.88 15.87 9.65
C TYR A 511 34.10 16.66 10.09
N LEU A 512 34.10 17.04 11.37
CA LEU A 512 35.24 17.74 11.93
C LEU A 512 36.41 16.78 12.16
N GLU A 513 37.60 17.22 11.77
CA GLU A 513 38.78 16.38 11.91
C GLU A 513 39.09 16.12 13.39
N LYS A 514 39.45 14.87 13.69
CA LYS A 514 39.84 14.44 15.03
C LYS A 514 38.78 14.79 16.08
N THR A 515 37.62 14.14 15.91
CA THR A 515 36.57 14.22 16.91
C THR A 515 35.79 12.91 16.89
N ALA A 516 34.83 12.79 17.81
CA ALA A 516 34.01 11.58 17.87
C ALA A 516 33.31 11.31 16.55
N GLN A 517 32.87 12.36 15.87
CA GLN A 517 32.29 12.21 14.54
C GLN A 517 33.28 11.57 13.57
N SER A 518 34.51 12.09 13.53
CA SER A 518 35.54 11.53 12.66
C SER A 518 35.75 10.04 12.94
N VAL A 519 35.65 9.64 14.21
CA VAL A 519 35.72 8.22 14.54
C VAL A 519 34.58 7.46 13.88
N LEU A 520 33.35 7.92 14.10
CA LEU A 520 32.19 7.22 13.55
C LEU A 520 32.20 7.18 12.04
N VAL A 521 32.80 8.19 11.39
CA VAL A 521 32.90 8.18 9.93
C VAL A 521 33.67 6.97 9.46
N ARG A 522 34.86 6.75 10.03
CA ARG A 522 35.68 5.61 9.61
C ARG A 522 35.05 4.28 9.99
N TRP A 523 34.50 4.20 11.21
CA TRP A 523 33.90 2.95 11.68
C TRP A 523 32.73 2.55 10.79
N TYR A 524 31.88 3.50 10.43
CA TYR A 524 30.72 3.18 9.60
C TYR A 524 31.11 2.78 8.19
N HIS A 525 32.10 3.47 7.61
CA HIS A 525 32.47 3.25 6.22
C HIS A 525 33.52 2.15 6.07
N GLU A 526 34.69 2.33 6.71
CA GLU A 526 35.76 1.35 6.57
C GLU A 526 35.40 0.03 7.26
N GLY A 527 34.85 0.10 8.47
CA GLY A 527 34.53 -1.09 9.23
C GLY A 527 33.27 -1.80 8.78
N LEU A 528 32.12 -1.13 8.86
CA LEU A 528 30.86 -1.78 8.58
C LEU A 528 30.39 -1.62 7.14
N ASP A 529 30.98 -0.69 6.39
CA ASP A 529 30.54 -0.39 5.02
C ASP A 529 29.06 -0.01 5.00
N ALA A 530 28.65 0.80 5.99
CA ALA A 530 27.23 1.05 6.22
C ALA A 530 26.64 2.12 5.32
N PHE A 531 27.47 2.96 4.69
CA PHE A 531 26.94 4.02 3.85
C PHE A 531 26.55 3.50 2.46
N GLU A 532 27.50 2.88 1.76
CA GLU A 532 27.27 2.53 0.35
C GLU A 532 26.53 1.21 0.17
N HIS A 533 26.56 0.31 1.15
CA HIS A 533 25.90 -0.98 1.03
C HIS A 533 25.05 -1.26 2.26
N THR A 534 24.09 -2.17 2.09
CA THR A 534 22.97 -2.31 3.01
C THR A 534 23.03 -3.58 3.86
N CYS A 535 24.12 -4.33 3.82
CA CYS A 535 24.18 -5.59 4.55
C CYS A 535 24.03 -5.33 6.05
N PRO A 536 23.15 -6.06 6.74
CA PRO A 536 22.80 -5.76 8.13
C PRO A 536 23.76 -6.33 9.15
N THR A 537 25.06 -6.08 8.94
CA THR A 537 26.08 -6.55 9.87
C THR A 537 26.25 -5.63 11.06
N GLY A 538 25.98 -4.34 10.88
CA GLY A 538 26.27 -3.30 11.85
C GLY A 538 25.93 -3.60 13.29
N ARG A 539 24.72 -4.11 13.55
CA ARG A 539 24.29 -4.31 14.93
C ARG A 539 25.09 -5.38 15.63
N THR A 540 25.34 -6.51 14.97
CA THR A 540 26.12 -7.58 15.58
C THR A 540 27.53 -7.10 15.93
N ILE A 541 28.23 -6.52 14.97
CA ILE A 541 29.56 -6.00 15.21
C ILE A 541 29.53 -4.91 16.29
N TYR A 542 28.47 -4.10 16.29
CA TYR A 542 28.35 -3.03 17.27
C TYR A 542 28.29 -3.57 18.69
N ASP A 543 27.67 -4.73 18.89
CA ASP A 543 27.60 -5.33 20.22
C ASP A 543 28.92 -5.99 20.59
N SER A 544 29.58 -6.63 19.61
CA SER A 544 30.83 -7.35 19.87
C SER A 544 32.01 -6.41 20.07
N VAL A 545 31.83 -5.10 19.86
CA VAL A 545 32.91 -4.14 19.82
C VAL A 545 32.66 -2.94 20.74
N TYR A 546 31.46 -2.85 21.32
CA TYR A 546 30.98 -1.69 22.07
C TYR A 546 32.03 -1.03 22.96
N ASN A 547 32.55 -1.75 23.96
CA ASN A 547 33.42 -1.13 24.95
C ASN A 547 34.71 -0.59 24.35
N ASP A 548 35.24 -1.25 23.31
CA ASP A 548 36.40 -0.71 22.63
C ASP A 548 36.03 0.56 21.85
N LEU A 549 34.97 0.49 21.05
CA LEU A 549 34.55 1.62 20.23
C LEU A 549 34.18 2.82 21.08
N ILE A 550 33.54 2.57 22.23
CA ILE A 550 33.15 3.65 23.14
C ILE A 550 34.33 4.50 23.54
N ASN A 551 35.40 3.86 24.01
CA ASN A 551 36.57 4.59 24.49
C ASN A 551 37.16 5.48 23.41
N TYR A 552 37.20 4.99 22.17
CA TYR A 552 37.67 5.83 21.07
C TYR A 552 36.72 6.98 20.76
N LEU A 553 35.48 6.93 21.24
CA LEU A 553 34.55 8.05 21.10
C LEU A 553 34.68 9.05 22.24
N ALA A 554 34.72 8.57 23.48
CA ALA A 554 34.85 9.45 24.63
C ALA A 554 36.20 10.16 24.69
N SER A 555 37.19 9.71 23.92
CA SER A 555 38.51 10.35 23.88
C SER A 555 39.14 10.08 22.53
N PRO A 556 38.71 10.82 21.49
CA PRO A 556 39.29 10.62 20.15
C PRO A 556 40.75 11.03 20.04
N ASP A 557 41.39 11.45 21.14
CA ASP A 557 42.81 11.79 21.09
C ASP A 557 43.67 10.54 20.99
N GLN A 558 43.31 9.48 21.72
CA GLN A 558 44.08 8.24 21.73
C GLN A 558 43.78 7.47 20.46
N THR A 559 44.63 7.66 19.45
CA THR A 559 44.37 7.14 18.12
C THR A 559 45.00 5.77 17.87
N GLU A 560 46.11 5.44 18.53
CA GLU A 560 46.75 4.16 18.27
C GLU A 560 45.93 3.03 18.89
N GLY A 561 45.91 1.89 18.19
CA GLY A 561 45.01 0.81 18.49
C GLY A 561 43.69 0.88 17.77
N PHE A 562 43.37 2.04 17.19
CA PHE A 562 42.11 2.21 16.46
C PHE A 562 42.15 1.48 15.13
N ASP A 563 43.19 1.73 14.32
CA ASP A 563 43.24 1.20 12.96
C ASP A 563 43.10 -0.32 12.90
N ASP A 564 43.44 -1.02 13.99
CA ASP A 564 43.22 -2.45 14.03
C ASP A 564 41.77 -2.80 14.38
N LEU A 565 41.12 -1.97 15.20
CA LEU A 565 39.69 -2.13 15.42
C LEU A 565 38.93 -2.10 14.10
N ILE A 566 39.39 -1.27 13.16
CA ILE A 566 38.68 -1.09 11.91
C ILE A 566 38.77 -2.34 11.05
N LYS A 567 40.00 -2.82 10.80
CA LYS A 567 40.14 -4.06 10.04
C LYS A 567 39.51 -5.23 10.76
N ASN A 568 39.56 -5.25 12.09
CA ASN A 568 38.83 -6.29 12.82
C ASN A 568 37.34 -6.19 12.58
N CYS A 569 36.78 -4.98 12.58
CA CYS A 569 35.37 -4.81 12.30
C CYS A 569 35.02 -5.20 10.87
N ARG A 570 35.88 -4.84 9.91
CA ARG A 570 35.64 -5.22 8.52
C ARG A 570 35.77 -6.72 8.33
N GLU A 571 36.67 -7.37 9.07
CA GLU A 571 36.76 -8.83 9.03
C GLU A 571 35.46 -9.46 9.51
N GLN A 572 34.94 -9.02 10.65
CA GLN A 572 33.64 -9.49 11.12
C GLN A 572 32.57 -9.22 10.09
N HIS A 573 32.58 -8.03 9.49
CA HIS A 573 31.60 -7.66 8.48
C HIS A 573 31.60 -8.66 7.32
N GLU A 574 32.76 -8.91 6.75
CA GLU A 574 32.83 -9.82 5.60
C GLU A 574 32.43 -11.24 6.00
N ALA A 575 32.85 -11.69 7.18
CA ALA A 575 32.44 -13.00 7.66
C ALA A 575 30.93 -13.07 7.85
N LEU A 576 30.36 -12.09 8.56
CA LEU A 576 28.91 -12.04 8.74
C LEU A 576 28.18 -11.96 7.40
N LYS A 577 28.68 -11.10 6.50
CA LYS A 577 28.13 -11.03 5.16
C LYS A 577 28.09 -12.41 4.51
N ALA A 578 29.23 -13.11 4.51
CA ALA A 578 29.31 -14.43 3.89
C ALA A 578 28.28 -15.39 4.46
N GLN A 579 28.16 -15.42 5.79
CA GLN A 579 27.22 -16.36 6.42
C GLN A 579 25.78 -16.09 5.96
N LEU A 580 25.43 -14.83 5.73
CA LEU A 580 24.07 -14.50 5.33
C LEU A 580 23.80 -14.88 3.87
N GLU A 581 24.74 -14.58 2.97
CA GLU A 581 24.55 -14.90 1.55
C GLU A 581 24.36 -16.39 1.35
N GLN A 582 24.99 -17.22 2.17
CA GLN A 582 24.87 -18.67 2.06
C GLN A 582 23.64 -19.22 2.77
N GLY A 583 22.89 -18.39 3.48
CA GLY A 583 21.63 -18.79 4.07
C GLY A 583 20.41 -18.40 3.28
N ARG A 584 20.59 -17.79 2.10
CA ARG A 584 19.46 -17.34 1.30
C ARG A 584 18.63 -18.53 0.82
N ASP A 585 17.34 -18.52 1.15
CA ASP A 585 16.38 -19.50 0.61
C ASP A 585 15.84 -18.92 -0.69
N ARG A 586 16.64 -19.05 -1.76
CA ARG A 586 16.34 -18.40 -3.02
C ARG A 586 15.01 -18.84 -3.64
N LEU A 587 14.52 -20.03 -3.30
CA LEU A 587 13.18 -20.41 -3.72
C LEU A 587 12.12 -19.56 -3.04
N LEU A 588 12.22 -19.44 -1.70
CA LEU A 588 11.30 -18.57 -0.96
C LEU A 588 11.38 -17.14 -1.46
N GLU A 589 12.57 -16.68 -1.82
CA GLU A 589 12.73 -15.30 -2.28
C GLU A 589 12.09 -15.09 -3.66
N ILE A 590 12.15 -16.11 -4.52
CA ILE A 590 11.53 -15.97 -5.84
C ILE A 590 10.01 -16.06 -5.75
N HIS A 591 9.51 -16.96 -4.90
CA HIS A 591 8.06 -17.03 -4.69
C HIS A 591 7.52 -15.78 -4.00
N SER A 592 8.34 -15.13 -3.18
CA SER A 592 7.87 -13.94 -2.47
C SER A 592 7.74 -12.75 -3.40
N ASN A 593 8.74 -12.53 -4.27
CA ASN A 593 8.75 -11.36 -5.13
C ASN A 593 7.90 -11.52 -6.38
N GLY A 594 7.25 -12.67 -6.57
CA GLY A 594 6.33 -12.87 -7.66
C GLY A 594 6.95 -13.14 -9.01
N GLY A 595 8.23 -12.79 -9.21
CA GLY A 595 8.88 -13.13 -10.46
C GLY A 595 8.37 -12.29 -11.62
N GLU A 596 8.38 -12.90 -12.81
CA GLU A 596 8.08 -12.16 -14.03
C GLU A 596 6.60 -11.82 -14.14
N LYS A 597 5.71 -12.72 -13.69
CA LYS A 597 4.29 -12.45 -13.74
C LYS A 597 3.92 -11.24 -12.89
N ALA A 598 4.63 -11.02 -11.79
CA ALA A 598 4.30 -9.90 -10.90
C ALA A 598 4.68 -8.57 -11.54
N GLN A 599 5.85 -8.49 -12.17
CA GLN A 599 6.22 -7.27 -12.89
C GLN A 599 5.23 -6.96 -14.00
N ALA A 600 4.66 -8.01 -14.62
CA ALA A 600 3.60 -7.79 -15.61
C ALA A 600 2.36 -7.20 -14.95
N LEU A 601 1.96 -7.76 -13.80
CA LEU A 601 0.82 -7.21 -13.06
C LEU A 601 1.02 -5.74 -12.73
N ALA A 602 2.22 -5.37 -12.29
CA ALA A 602 2.48 -3.98 -11.90
C ALA A 602 2.29 -3.02 -13.06
N GLU A 603 2.51 -3.49 -14.30
CA GLU A 603 2.43 -2.61 -15.47
C GLU A 603 1.03 -2.50 -16.04
N SER A 604 0.19 -3.51 -15.85
CA SER A 604 -1.22 -3.38 -16.24
C SER A 604 -1.90 -2.29 -15.42
N ILE A 605 -1.62 -2.24 -14.12
CA ILE A 605 -2.18 -1.20 -13.26
C ILE A 605 -1.57 0.16 -13.61
N GLU A 606 -0.26 0.17 -13.92
CA GLU A 606 0.38 1.40 -14.37
C GLU A 606 -0.27 1.97 -15.62
N GLU A 607 -0.97 1.16 -16.39
CA GLU A 607 -1.62 1.61 -17.62
C GLU A 607 -3.09 1.98 -17.42
N GLN A 608 -3.80 1.25 -16.55
CA GLN A 608 -5.15 1.68 -16.16
C GLN A 608 -5.14 3.04 -15.47
N ASP A 609 -3.98 3.48 -14.98
CA ASP A 609 -3.87 4.72 -14.22
C ASP A 609 -3.91 5.98 -15.08
N ASP A 610 -4.02 5.84 -16.40
CA ASP A 610 -4.20 7.00 -17.28
C ASP A 610 -5.64 7.17 -17.73
N ASP A 611 -6.59 6.63 -16.96
CA ASP A 611 -8.00 6.72 -17.31
C ASP A 611 -8.45 8.17 -17.32
N THR A 612 -8.71 8.71 -18.50
CA THR A 612 -9.18 10.08 -18.62
C THR A 612 -10.69 10.18 -18.51
N ASN A 613 -11.42 9.11 -18.87
CA ASN A 613 -12.84 9.05 -18.58
C ASN A 613 -13.10 9.21 -17.08
N LEU A 614 -12.19 8.70 -16.25
CA LEU A 614 -12.35 8.83 -14.81
C LEU A 614 -12.34 10.30 -14.39
N ILE A 615 -11.39 11.08 -14.92
CA ILE A 615 -11.34 12.50 -14.58
C ILE A 615 -12.53 13.24 -15.18
N ALA A 616 -12.84 12.95 -16.44
CA ALA A 616 -13.99 13.59 -17.08
C ALA A 616 -15.28 13.28 -16.35
N PHE A 617 -15.48 12.00 -16.00
CA PHE A 617 -16.69 11.61 -15.26
C PHE A 617 -16.69 12.21 -13.87
N ALA A 618 -15.54 12.24 -13.20
CA ALA A 618 -15.48 12.83 -11.87
C ALA A 618 -15.87 14.30 -11.90
N MET A 619 -15.26 15.07 -12.80
CA MET A 619 -15.68 16.45 -13.02
C MET A 619 -17.18 16.51 -13.35
N ASN A 620 -17.64 15.61 -14.22
CA ASN A 620 -19.06 15.55 -14.57
C ASN A 620 -19.90 15.23 -13.35
N LEU A 621 -19.49 14.23 -12.57
CA LEU A 621 -20.27 13.83 -11.39
C LEU A 621 -20.26 14.92 -10.32
N PHE A 622 -19.06 15.40 -9.97
CA PHE A 622 -18.96 16.42 -8.92
C PHE A 622 -19.78 17.66 -9.27
N ASP A 623 -19.76 18.05 -10.55
CA ASP A 623 -20.42 19.28 -10.96
C ASP A 623 -21.93 19.16 -10.87
N ILE A 624 -22.49 18.02 -11.29
CA ILE A 624 -23.92 17.80 -11.17
C ILE A 624 -24.33 17.84 -9.70
N ILE A 625 -23.60 17.14 -8.84
CA ILE A 625 -23.86 17.15 -7.40
C ILE A 625 -23.77 18.55 -6.82
N GLY A 626 -23.04 19.45 -7.46
CA GLY A 626 -22.96 20.83 -7.01
C GLY A 626 -21.76 21.10 -6.13
N ILE A 627 -20.60 20.60 -6.55
CA ILE A 627 -19.35 20.77 -5.84
C ILE A 627 -18.46 21.70 -6.66
N ASN A 628 -18.16 22.87 -6.11
CA ASN A 628 -17.25 23.79 -6.77
C ASN A 628 -15.86 23.17 -6.86
N GLN A 629 -15.27 23.23 -8.05
CA GLN A 629 -13.97 22.61 -8.33
C GLN A 629 -13.01 23.72 -8.75
N ASP A 630 -12.35 24.33 -7.77
CA ASP A 630 -11.32 25.32 -8.06
C ASP A 630 -10.03 24.59 -8.40
N ASP A 631 -9.48 24.87 -9.58
CA ASP A 631 -8.25 24.23 -10.05
C ASP A 631 -7.08 25.12 -9.63
N ARG A 632 -6.41 24.74 -8.54
CA ARG A 632 -5.27 25.50 -8.06
C ARG A 632 -4.14 25.51 -9.08
N GLY A 633 -4.00 24.44 -9.87
CA GLY A 633 -3.14 24.49 -11.04
C GLY A 633 -2.10 23.40 -11.18
N ASP A 634 -1.50 22.98 -10.07
CA ASP A 634 -0.42 21.99 -10.11
C ASP A 634 -0.98 20.57 -9.95
N ASN A 635 -1.87 20.21 -10.88
CA ASN A 635 -2.54 18.91 -10.91
C ASN A 635 -3.41 18.66 -9.68
N MET A 636 -3.83 19.72 -8.98
CA MET A 636 -4.61 19.57 -7.78
C MET A 636 -5.87 20.42 -7.88
N ILE A 637 -7.02 19.80 -7.69
CA ILE A 637 -8.30 20.49 -7.61
C ILE A 637 -8.67 20.60 -6.14
N VAL A 638 -9.22 21.75 -5.76
CA VAL A 638 -9.79 21.94 -4.43
C VAL A 638 -11.30 21.90 -4.55
N LEU A 639 -11.93 20.96 -3.87
CA LEU A 639 -13.37 20.79 -3.87
C LEU A 639 -13.96 21.48 -2.65
N THR A 640 -14.99 22.30 -2.86
CA THR A 640 -15.68 23.01 -1.80
C THR A 640 -17.17 22.91 -2.06
N PRO A 641 -17.99 22.79 -1.01
CA PRO A 641 -19.45 22.74 -1.22
C PRO A 641 -19.99 24.06 -1.74
N SER A 642 -21.30 24.12 -1.98
CA SER A 642 -21.89 25.31 -2.56
C SER A 642 -23.32 25.47 -2.04
N ASP A 643 -23.87 26.66 -2.28
CA ASP A 643 -25.27 26.90 -1.98
C ASP A 643 -26.18 26.02 -2.82
N HIS A 644 -25.72 25.63 -4.01
CA HIS A 644 -26.50 24.81 -4.94
C HIS A 644 -26.20 23.32 -4.81
N MET A 645 -25.75 22.88 -3.63
CA MET A 645 -25.50 21.46 -3.41
C MET A 645 -26.82 20.67 -3.51
N LEU A 646 -26.71 19.40 -3.87
CA LEU A 646 -27.86 18.55 -4.09
C LEU A 646 -28.26 17.72 -2.87
N VAL A 647 -27.41 17.68 -1.84
CA VAL A 647 -27.69 16.88 -0.64
C VAL A 647 -27.26 17.67 0.58
N PRO A 648 -28.00 17.54 1.70
CA PRO A 648 -27.61 18.22 2.94
C PRO A 648 -26.11 18.21 3.20
N ASP A 649 -25.51 17.03 3.24
CA ASP A 649 -24.07 16.90 3.43
C ASP A 649 -23.56 15.70 2.64
N PHE A 650 -22.42 15.87 1.98
CA PHE A 650 -21.79 14.76 1.27
C PHE A 650 -20.78 14.07 2.19
N PRO A 651 -20.74 12.72 2.13
CA PRO A 651 -19.91 11.94 3.07
C PRO A 651 -18.49 12.47 3.29
N GLY A 652 -17.78 12.78 2.21
CA GLY A 652 -16.40 13.17 2.32
C GLY A 652 -16.14 14.67 2.45
N LEU A 653 -17.06 15.50 1.96
CA LEU A 653 -16.80 16.93 1.89
C LEU A 653 -16.93 17.59 3.26
N SER A 654 -16.15 18.66 3.44
CA SER A 654 -16.31 19.58 4.55
C SER A 654 -16.31 21.00 3.99
N GLU A 655 -16.86 21.93 4.75
CA GLU A 655 -16.95 23.31 4.26
C GLU A 655 -15.57 23.90 4.02
N ASP A 656 -14.57 23.48 4.79
CA ASP A 656 -13.21 24.00 4.58
C ASP A 656 -12.56 23.47 3.32
N GLY A 657 -13.14 22.47 2.67
CA GLY A 657 -12.64 22.00 1.40
C GLY A 657 -11.61 20.90 1.54
N ILE A 658 -11.39 20.19 0.43
CA ILE A 658 -10.42 19.10 0.37
C ILE A 658 -9.63 19.23 -0.93
N THR A 659 -8.35 18.86 -0.87
CA THR A 659 -7.52 18.82 -2.05
C THR A 659 -7.55 17.42 -2.65
N ILE A 660 -7.64 17.35 -3.98
CA ILE A 660 -7.71 16.08 -4.68
C ILE A 660 -6.70 16.08 -5.82
N THR A 661 -6.26 14.88 -6.19
CA THR A 661 -5.40 14.69 -7.35
C THR A 661 -5.75 13.35 -7.99
N PHE A 662 -5.72 13.32 -9.32
CA PHE A 662 -5.93 12.09 -10.07
C PHE A 662 -4.62 11.42 -10.46
N ASP A 663 -3.49 12.06 -10.18
CA ASP A 663 -2.18 11.56 -10.57
C ASP A 663 -1.55 10.83 -9.41
N ARG A 664 -1.08 9.60 -9.67
CA ARG A 664 -0.52 8.79 -8.59
C ARG A 664 0.79 9.36 -8.07
N GLU A 665 1.54 10.08 -8.89
CA GLU A 665 2.83 10.58 -8.44
C GLU A 665 2.68 11.81 -7.55
N VAL A 666 1.79 12.74 -7.92
CA VAL A 666 1.50 13.89 -7.07
C VAL A 666 1.01 13.42 -5.70
N ALA A 667 0.13 12.41 -5.69
CA ALA A 667 -0.41 11.91 -4.44
C ALA A 667 0.70 11.44 -3.50
N LEU A 668 1.73 10.78 -4.05
CA LEU A 668 2.83 10.30 -3.22
C LEU A 668 3.69 11.44 -2.67
N ALA A 669 3.64 12.62 -3.29
CA ALA A 669 4.38 13.78 -2.79
C ALA A 669 3.54 14.68 -1.90
N ARG A 670 2.21 14.64 -2.03
CA ARG A 670 1.30 15.45 -1.23
C ARG A 670 0.31 14.51 -0.55
N GLU A 671 0.67 13.99 0.62
CA GLU A 671 -0.21 13.07 1.33
C GLU A 671 -1.42 13.76 1.93
N ASP A 672 -1.44 15.10 1.97
CA ASP A 672 -2.59 15.84 2.45
C ASP A 672 -3.75 15.86 1.46
N ALA A 673 -3.56 15.32 0.25
CA ALA A 673 -4.60 15.33 -0.76
C ALA A 673 -5.19 13.93 -0.92
N GLN A 674 -6.42 13.89 -1.42
CA GLN A 674 -7.09 12.62 -1.70
C GLN A 674 -6.68 12.13 -3.07
N PHE A 675 -6.21 10.89 -3.14
CA PHE A 675 -5.83 10.26 -4.41
C PHE A 675 -7.08 9.66 -5.03
N ILE A 676 -7.55 10.27 -6.11
CA ILE A 676 -8.84 9.93 -6.69
C ILE A 676 -8.67 8.81 -7.70
N THR A 677 -9.39 7.71 -7.50
CA THR A 677 -9.47 6.59 -8.42
C THR A 677 -10.91 6.11 -8.48
N TRP A 678 -11.17 5.08 -9.29
CA TRP A 678 -12.49 4.46 -9.29
C TRP A 678 -12.82 3.84 -7.93
N GLU A 679 -11.80 3.50 -7.15
CA GLU A 679 -11.97 2.84 -5.86
C GLU A 679 -11.95 3.81 -4.68
N HIS A 680 -11.84 5.11 -4.95
CA HIS A 680 -11.83 6.08 -3.85
C HIS A 680 -13.25 6.34 -3.37
N PRO A 681 -13.45 6.48 -2.05
CA PRO A 681 -14.80 6.66 -1.52
C PRO A 681 -15.60 7.80 -2.12
N LEU A 682 -14.96 8.92 -2.46
CA LEU A 682 -15.66 10.03 -3.10
C LEU A 682 -16.45 9.56 -4.32
N ILE A 683 -15.81 8.77 -5.18
CA ILE A 683 -16.46 8.30 -6.40
C ILE A 683 -17.55 7.29 -6.06
N ARG A 684 -17.23 6.31 -5.22
CA ARG A 684 -18.22 5.31 -4.84
C ARG A 684 -19.42 5.95 -4.14
N ASN A 685 -19.18 7.00 -3.34
CA ASN A 685 -20.29 7.70 -2.69
C ASN A 685 -21.15 8.42 -3.72
N GLY A 686 -20.54 9.30 -4.51
CA GLY A 686 -21.29 10.02 -5.53
C GLY A 686 -22.01 9.08 -6.49
N LEU A 687 -21.35 7.99 -6.87
CA LEU A 687 -21.99 6.96 -7.70
C LEU A 687 -23.27 6.46 -7.03
N ASP A 688 -23.16 6.00 -5.79
CA ASP A 688 -24.34 5.54 -5.06
C ASP A 688 -25.38 6.64 -4.92
N LEU A 689 -24.94 7.89 -4.75
CA LEU A 689 -25.88 9.00 -4.59
C LEU A 689 -26.81 9.11 -5.78
N ILE A 690 -26.28 8.96 -6.99
CA ILE A 690 -27.10 9.07 -8.19
C ILE A 690 -27.94 7.81 -8.39
N LEU A 691 -27.27 6.65 -8.45
CA LEU A 691 -27.93 5.40 -8.80
C LEU A 691 -28.85 4.87 -7.71
N SER A 692 -28.76 5.37 -6.48
CA SER A 692 -29.74 4.99 -5.45
C SER A 692 -30.99 5.85 -5.54
N GLY A 693 -30.84 7.17 -5.70
CA GLY A 693 -31.95 8.05 -5.96
C GLY A 693 -32.57 7.76 -7.30
N ASP A 694 -33.67 8.43 -7.64
CA ASP A 694 -34.35 8.19 -8.92
C ASP A 694 -34.45 9.44 -9.78
N THR A 695 -33.65 10.47 -9.48
CA THR A 695 -33.57 11.63 -10.34
C THR A 695 -32.66 11.32 -11.52
N GLY A 696 -33.02 11.84 -12.69
CA GLY A 696 -32.38 11.43 -13.92
C GLY A 696 -32.93 10.15 -14.51
N SER A 697 -34.01 9.61 -13.95
CA SER A 697 -34.59 8.36 -14.42
C SER A 697 -35.73 8.55 -15.41
N SER A 698 -36.29 9.75 -15.51
CA SER A 698 -37.42 9.99 -16.42
C SER A 698 -37.39 11.43 -16.87
N THR A 699 -37.31 11.64 -18.19
CA THR A 699 -37.30 12.98 -18.75
C THR A 699 -37.88 12.94 -20.15
N ILE A 700 -38.18 14.12 -20.68
CA ILE A 700 -38.60 14.27 -22.06
C ILE A 700 -37.59 15.19 -22.75
N SER A 701 -37.45 15.01 -24.06
CA SER A 701 -36.48 15.78 -24.83
C SER A 701 -36.96 15.90 -26.27
N LEU A 702 -36.66 17.04 -26.88
CA LEU A 702 -36.99 17.29 -28.27
C LEU A 702 -35.77 17.06 -29.17
N LEU A 703 -36.03 16.70 -30.42
CA LEU A 703 -34.98 16.46 -31.40
C LEU A 703 -35.27 17.29 -32.64
N LYS A 704 -34.26 18.00 -33.13
CA LYS A 704 -34.37 18.82 -34.32
C LYS A 704 -33.65 18.11 -35.46
N ASN A 705 -34.43 17.41 -36.28
CA ASN A 705 -33.89 16.62 -37.39
C ASN A 705 -34.76 16.85 -38.61
N LYS A 706 -34.21 17.52 -39.62
CA LYS A 706 -34.95 17.79 -40.85
C LYS A 706 -35.43 16.51 -41.52
N ALA A 707 -34.75 15.39 -41.29
CA ALA A 707 -34.95 14.17 -42.06
C ALA A 707 -35.96 13.21 -41.44
N LEU A 708 -36.84 13.69 -40.57
CA LEU A 708 -37.82 12.85 -39.89
C LEU A 708 -39.15 13.58 -39.84
N PRO A 709 -40.26 12.85 -39.69
CA PRO A 709 -41.56 13.52 -39.55
C PRO A 709 -41.71 14.23 -38.22
N VAL A 710 -42.53 15.28 -38.21
CA VAL A 710 -42.86 15.96 -36.96
C VAL A 710 -43.56 14.97 -36.03
N GLY A 711 -43.41 15.20 -34.72
CA GLY A 711 -44.13 14.44 -33.73
C GLY A 711 -43.80 12.96 -33.66
N THR A 712 -42.72 12.52 -34.29
CA THR A 712 -42.35 11.11 -34.18
C THR A 712 -41.89 10.81 -32.76
N LEU A 713 -41.97 9.54 -32.38
CA LEU A 713 -41.72 9.11 -31.01
C LEU A 713 -40.57 8.13 -30.98
N LEU A 714 -39.48 8.51 -30.34
CA LEU A 714 -38.42 7.59 -29.94
C LEU A 714 -38.37 7.55 -28.42
N VAL A 715 -38.18 6.36 -27.87
CA VAL A 715 -38.20 6.16 -26.43
C VAL A 715 -36.90 5.48 -26.03
N GLU A 716 -36.03 6.23 -25.34
CA GLU A 716 -34.77 5.69 -24.86
C GLU A 716 -35.02 4.98 -23.54
N LEU A 717 -34.69 3.69 -23.48
CA LEU A 717 -34.99 2.84 -22.34
C LEU A 717 -33.70 2.25 -21.81
N ILE A 718 -33.43 2.48 -20.52
CA ILE A 718 -32.26 1.89 -19.86
C ILE A 718 -32.78 0.83 -18.90
N TYR A 719 -32.78 -0.41 -19.34
CA TYR A 719 -33.04 -1.51 -18.42
C TYR A 719 -31.77 -1.82 -17.62
N VAL A 720 -31.96 -2.52 -16.50
CA VAL A 720 -30.85 -2.89 -15.63
C VAL A 720 -30.98 -4.37 -15.30
N VAL A 721 -29.97 -5.15 -15.66
CA VAL A 721 -29.92 -6.56 -15.30
C VAL A 721 -29.15 -6.69 -14.00
N GLU A 722 -29.77 -7.35 -13.02
CA GLU A 722 -29.21 -7.41 -11.68
C GLU A 722 -29.33 -8.83 -11.12
N ALA A 723 -28.45 -9.12 -10.17
CA ALA A 723 -28.53 -10.33 -9.36
C ALA A 723 -28.67 -9.92 -7.90
N GLN A 724 -29.39 -10.74 -7.14
CA GLN A 724 -29.59 -10.51 -5.71
C GLN A 724 -28.75 -11.54 -4.96
N ALA A 725 -27.64 -11.09 -4.39
CA ALA A 725 -26.73 -11.95 -3.66
C ALA A 725 -25.96 -11.10 -2.67
N PRO A 726 -25.61 -11.64 -1.51
CA PRO A 726 -24.76 -10.90 -0.58
C PRO A 726 -23.41 -10.60 -1.22
N LYS A 727 -22.90 -9.38 -0.99
CA LYS A 727 -21.65 -8.95 -1.58
C LYS A 727 -20.51 -9.92 -1.27
N GLN A 728 -20.65 -10.74 -0.23
CA GLN A 728 -19.64 -11.74 0.07
C GLN A 728 -19.45 -12.73 -1.08
N LEU A 729 -20.48 -12.97 -1.88
CA LEU A 729 -20.36 -13.91 -3.00
C LEU A 729 -19.59 -13.33 -4.17
N GLN A 730 -19.46 -12.01 -4.25
CA GLN A 730 -18.70 -11.34 -5.31
C GLN A 730 -19.28 -11.61 -6.70
N LEU A 731 -20.60 -11.43 -6.84
CA LEU A 731 -21.23 -11.54 -8.14
C LEU A 731 -20.77 -10.46 -9.11
N ASN A 732 -20.31 -9.32 -8.58
CA ASN A 732 -19.93 -8.19 -9.42
C ASN A 732 -18.73 -8.49 -10.32
N ARG A 733 -18.03 -9.60 -10.10
CA ARG A 733 -16.95 -9.99 -11.00
C ARG A 733 -17.50 -10.44 -12.35
N PHE A 734 -18.71 -10.99 -12.37
CA PHE A 734 -19.28 -11.56 -13.58
C PHE A 734 -20.57 -10.91 -14.03
N LEU A 735 -21.40 -10.44 -13.10
CA LEU A 735 -22.64 -9.73 -13.45
C LEU A 735 -22.95 -8.70 -12.38
N PRO A 736 -22.29 -7.54 -12.43
CA PRO A 736 -22.74 -6.39 -11.65
C PRO A 736 -24.03 -5.85 -12.24
N PRO A 737 -24.68 -4.87 -11.59
CA PRO A 737 -25.82 -4.21 -12.23
C PRO A 737 -25.40 -3.61 -13.56
N THR A 738 -25.94 -4.15 -14.65
CA THR A 738 -25.45 -3.82 -15.99
C THR A 738 -26.57 -3.17 -16.79
N PRO A 739 -26.36 -1.97 -17.34
CA PRO A 739 -27.42 -1.30 -18.08
C PRO A 739 -27.60 -1.89 -19.47
N VAL A 740 -28.84 -1.85 -19.94
CA VAL A 740 -29.20 -2.33 -21.28
C VAL A 740 -30.03 -1.22 -21.93
N ARG A 741 -29.41 -0.47 -22.83
CA ARG A 741 -30.07 0.64 -23.50
C ARG A 741 -30.89 0.14 -24.68
N MET A 742 -32.05 0.77 -24.91
CA MET A 742 -32.91 0.42 -26.03
C MET A 742 -33.62 1.69 -26.50
N LEU A 743 -33.48 2.00 -27.78
CA LEU A 743 -34.15 3.15 -28.40
C LEU A 743 -35.21 2.58 -29.33
N LEU A 744 -36.42 2.40 -28.81
CA LEU A 744 -37.49 1.78 -29.57
C LEU A 744 -38.21 2.83 -30.42
N ASP A 745 -38.87 2.35 -31.47
CA ASP A 745 -39.73 3.16 -32.32
C ASP A 745 -41.19 2.84 -32.02
N LYS A 746 -42.08 3.46 -32.80
CA LYS A 746 -43.52 3.23 -32.61
C LYS A 746 -43.92 1.78 -32.89
N ASN A 747 -43.09 1.03 -33.62
CA ASN A 747 -43.35 -0.37 -33.91
C ASN A 747 -42.54 -1.33 -33.04
N GLY A 748 -41.77 -0.81 -32.08
CA GLY A 748 -40.98 -1.66 -31.23
C GLY A 748 -39.69 -2.16 -31.84
N ASN A 749 -39.14 -1.45 -32.82
CA ASN A 749 -37.84 -1.79 -33.38
C ASN A 749 -36.76 -1.05 -32.62
N ASN A 750 -35.73 -1.77 -32.21
CA ASN A 750 -34.64 -1.20 -31.43
C ASN A 750 -33.59 -0.61 -32.36
N LEU A 751 -33.18 0.62 -32.08
CA LEU A 751 -32.19 1.32 -32.89
C LEU A 751 -30.89 1.58 -32.13
N ALA A 752 -30.84 1.23 -30.84
CA ALA A 752 -29.71 1.63 -29.98
C ALA A 752 -28.38 1.15 -30.55
N ALA A 753 -28.35 -0.03 -31.16
CA ALA A 753 -27.11 -0.55 -31.72
C ALA A 753 -26.55 0.36 -32.81
N GLN A 754 -27.43 1.10 -33.50
CA GLN A 754 -27.00 2.00 -34.57
C GLN A 754 -26.71 3.41 -34.08
N VAL A 755 -27.36 3.84 -33.00
CA VAL A 755 -27.29 5.23 -32.54
C VAL A 755 -26.57 5.22 -31.20
N GLU A 756 -25.28 5.54 -31.23
CA GLU A 756 -24.47 5.63 -30.01
C GLU A 756 -25.04 6.69 -29.08
N PHE A 757 -24.73 6.54 -27.78
CA PHE A 757 -25.34 7.40 -26.77
C PHE A 757 -24.85 8.84 -26.87
N GLU A 758 -23.52 9.04 -26.79
CA GLU A 758 -22.97 10.39 -26.71
C GLU A 758 -23.40 11.25 -27.90
N THR A 759 -23.12 10.78 -29.12
CA THR A 759 -23.47 11.56 -30.31
C THR A 759 -24.96 11.87 -30.35
N PHE A 760 -25.81 10.88 -30.05
CA PHE A 760 -27.25 11.11 -30.03
C PHE A 760 -27.62 12.12 -28.94
N ASN A 761 -27.04 11.96 -27.75
CA ASN A 761 -27.32 12.90 -26.65
C ASN A 761 -26.90 14.31 -27.01
N ARG A 762 -25.81 14.46 -27.77
CA ARG A 762 -25.35 15.78 -28.18
C ARG A 762 -26.44 16.56 -28.90
N GLN A 763 -27.05 15.94 -29.92
CA GLN A 763 -28.01 16.63 -30.77
C GLN A 763 -29.41 16.68 -30.17
N LEU A 764 -29.55 16.50 -28.85
CA LEU A 764 -30.83 16.58 -28.19
C LEU A 764 -30.88 17.77 -27.25
N ASN A 765 -32.10 18.22 -26.97
CA ASN A 765 -32.32 19.45 -26.21
C ASN A 765 -33.62 19.32 -25.43
N ALA A 766 -33.72 20.09 -24.35
CA ALA A 766 -34.80 19.96 -23.39
C ALA A 766 -35.96 20.90 -23.73
N VAL A 767 -37.01 20.83 -22.93
CA VAL A 767 -38.20 21.67 -23.10
C VAL A 767 -38.36 22.54 -21.85
N ASN A 768 -39.38 23.38 -21.84
CA ASN A 768 -39.77 24.14 -20.66
C ASN A 768 -40.86 23.38 -19.89
N ARG A 769 -41.00 23.73 -18.61
CA ARG A 769 -41.85 22.97 -17.70
C ARG A 769 -43.25 22.75 -18.25
N HIS A 770 -43.86 23.81 -18.81
CA HIS A 770 -45.27 23.71 -19.18
C HIS A 770 -45.48 22.87 -20.43
N THR A 771 -44.89 23.29 -21.56
CA THR A 771 -45.14 22.60 -22.83
C THR A 771 -44.88 21.11 -22.71
N GLY A 772 -43.77 20.75 -22.07
CA GLY A 772 -43.44 19.33 -21.94
C GLY A 772 -44.46 18.55 -21.13
N SER A 773 -45.04 19.18 -20.10
CA SER A 773 -45.89 18.48 -19.14
C SER A 773 -47.00 17.68 -19.83
N LYS A 774 -47.91 18.38 -20.52
CA LYS A 774 -48.96 17.68 -21.23
C LYS A 774 -48.52 17.13 -22.58
N LEU A 775 -47.37 17.60 -23.10
CA LEU A 775 -46.79 16.96 -24.27
C LEU A 775 -46.53 15.48 -24.02
N VAL A 776 -46.21 15.12 -22.78
CA VAL A 776 -46.10 13.70 -22.43
C VAL A 776 -47.47 13.02 -22.55
N ASN A 777 -48.48 13.59 -21.88
CA ASN A 777 -49.81 13.01 -21.90
C ASN A 777 -50.44 12.99 -23.29
N ALA A 778 -49.88 13.73 -24.24
CA ALA A 778 -50.33 13.62 -25.62
C ALA A 778 -50.09 12.22 -26.17
N VAL A 779 -49.09 11.52 -25.64
CA VAL A 779 -48.74 10.18 -26.12
C VAL A 779 -48.64 9.20 -24.96
N GLN A 780 -49.33 9.49 -23.85
CA GLN A 780 -49.30 8.59 -22.70
C GLN A 780 -49.83 7.21 -23.08
N GLN A 781 -50.82 7.16 -23.95
CA GLN A 781 -51.29 5.88 -24.46
C GLN A 781 -50.31 5.26 -25.45
N ASP A 782 -49.45 6.07 -26.07
CA ASP A 782 -48.49 5.57 -27.04
C ASP A 782 -47.24 5.00 -26.37
N VAL A 783 -46.58 5.81 -25.54
CA VAL A 783 -45.36 5.36 -24.86
C VAL A 783 -45.66 4.14 -23.99
N HIS A 784 -46.80 4.14 -23.30
CA HIS A 784 -47.24 2.97 -22.57
C HIS A 784 -47.36 1.76 -23.49
N ALA A 785 -47.84 1.98 -24.72
CA ALA A 785 -47.90 0.89 -25.69
C ALA A 785 -46.52 0.54 -26.25
N ILE A 786 -45.56 1.46 -26.17
CA ILE A 786 -44.20 1.17 -26.65
C ILE A 786 -43.46 0.27 -25.67
N LEU A 787 -43.74 0.37 -24.37
CA LEU A 787 -42.94 -0.33 -23.36
C LEU A 787 -43.06 -1.84 -23.49
N GLN A 788 -44.28 -2.37 -23.56
CA GLN A 788 -44.45 -3.82 -23.64
C GLN A 788 -43.76 -4.43 -24.85
N LEU A 789 -43.62 -3.66 -25.93
CA LEU A 789 -42.85 -4.11 -27.08
C LEU A 789 -41.43 -4.48 -26.67
N GLY A 790 -40.76 -3.61 -25.91
CA GLY A 790 -39.43 -3.91 -25.43
C GLY A 790 -39.40 -4.93 -24.32
N GLU A 791 -40.50 -5.04 -23.56
CA GLU A 791 -40.58 -6.01 -22.47
C GLU A 791 -40.27 -7.42 -22.95
N ALA A 792 -40.72 -7.76 -24.15
CA ALA A 792 -40.39 -9.06 -24.72
C ALA A 792 -38.97 -9.12 -25.26
N GLN A 793 -38.37 -7.98 -25.58
CA GLN A 793 -37.00 -7.95 -26.10
C GLN A 793 -35.94 -7.89 -25.02
N ILE A 794 -36.24 -7.23 -23.90
CA ILE A 794 -35.26 -7.15 -22.81
C ILE A 794 -34.96 -8.53 -22.25
N GLU A 795 -35.99 -9.38 -22.13
CA GLU A 795 -35.78 -10.74 -21.64
C GLU A 795 -34.83 -11.51 -22.53
N LYS A 796 -34.81 -11.20 -23.83
CA LYS A 796 -33.82 -11.81 -24.72
C LYS A 796 -32.42 -11.28 -24.41
N SER A 797 -32.29 -9.95 -24.26
CA SER A 797 -30.99 -9.38 -23.92
C SER A 797 -30.55 -9.80 -22.52
N ALA A 798 -31.48 -9.84 -21.57
CA ALA A 798 -31.13 -10.21 -20.20
C ALA A 798 -30.54 -11.61 -20.16
N ARG A 799 -31.25 -12.60 -20.70
CA ARG A 799 -30.74 -13.97 -20.72
C ARG A 799 -29.40 -14.07 -21.44
N ALA A 800 -29.12 -13.15 -22.38
CA ALA A 800 -27.81 -13.14 -23.03
C ALA A 800 -26.71 -12.81 -22.03
N LEU A 801 -26.91 -11.79 -21.21
CA LEU A 801 -25.92 -11.43 -20.20
C LEU A 801 -25.74 -12.56 -19.19
N ILE A 802 -26.85 -13.10 -18.68
CA ILE A 802 -26.79 -14.15 -17.65
C ILE A 802 -25.97 -15.33 -18.15
N ASP A 803 -26.28 -15.81 -19.36
CA ASP A 803 -25.60 -16.98 -19.90
C ASP A 803 -24.10 -16.74 -20.04
N ALA A 804 -23.71 -15.60 -20.60
CA ALA A 804 -22.29 -15.27 -20.70
C ALA A 804 -21.65 -15.21 -19.32
N ALA A 805 -22.35 -14.62 -18.35
CA ALA A 805 -21.81 -14.54 -17.00
C ALA A 805 -21.62 -15.91 -16.38
N ARG A 806 -22.62 -16.80 -16.54
CA ARG A 806 -22.49 -18.15 -16.00
C ARG A 806 -21.34 -18.91 -16.65
N ASN A 807 -21.10 -18.67 -17.94
CA ASN A 807 -19.92 -19.26 -18.57
C ASN A 807 -18.64 -18.70 -17.97
N GLU A 808 -18.54 -17.37 -17.92
CA GLU A 808 -17.34 -16.73 -17.37
C GLU A 808 -17.12 -17.14 -15.91
N ALA A 809 -18.20 -17.30 -15.15
CA ALA A 809 -18.09 -17.69 -13.75
C ALA A 809 -17.64 -19.15 -13.63
N ASP A 810 -18.41 -20.08 -14.19
CA ASP A 810 -18.07 -21.50 -14.10
C ASP A 810 -16.68 -21.78 -14.65
N GLU A 811 -16.26 -21.02 -15.67
CA GLU A 811 -14.93 -21.20 -16.23
C GLU A 811 -13.85 -20.85 -15.20
N LYS A 812 -13.82 -19.59 -14.77
CA LYS A 812 -12.76 -19.14 -13.86
C LYS A 812 -12.83 -19.85 -12.52
N LEU A 813 -14.03 -20.02 -11.97
CA LEU A 813 -14.16 -20.56 -10.62
C LEU A 813 -13.80 -22.05 -10.57
N SER A 814 -13.94 -22.76 -11.69
CA SER A 814 -13.44 -24.14 -11.74
C SER A 814 -11.94 -24.17 -11.98
N ALA A 815 -11.41 -23.21 -12.74
CA ALA A 815 -9.97 -23.14 -12.93
C ALA A 815 -9.25 -22.90 -11.62
N GLU A 816 -9.83 -22.08 -10.74
CA GLU A 816 -9.23 -21.86 -9.42
C GLU A 816 -9.33 -23.12 -8.56
N LEU A 817 -10.46 -23.81 -8.60
CA LEU A 817 -10.63 -25.03 -7.82
C LEU A 817 -9.68 -26.12 -8.29
N SER A 818 -9.44 -26.20 -9.60
CA SER A 818 -8.49 -27.18 -10.12
C SER A 818 -7.07 -26.86 -9.65
N ARG A 819 -6.67 -25.59 -9.72
CA ARG A 819 -5.35 -25.19 -9.24
C ARG A 819 -5.17 -25.55 -7.77
N LEU A 820 -6.17 -25.22 -6.94
CA LEU A 820 -6.08 -25.55 -5.52
C LEU A 820 -6.04 -27.06 -5.30
N GLU A 821 -6.81 -27.82 -6.09
CA GLU A 821 -6.73 -29.27 -6.02
C GLU A 821 -5.36 -29.77 -6.42
N ALA A 822 -4.75 -29.15 -7.43
CA ALA A 822 -3.41 -29.55 -7.85
C ALA A 822 -2.39 -29.31 -6.75
N LEU A 823 -2.55 -28.21 -6.00
CA LEU A 823 -1.58 -27.89 -4.94
C LEU A 823 -1.73 -28.81 -3.75
N ARG A 824 -2.97 -29.11 -3.34
CA ARG A 824 -3.19 -30.00 -2.20
C ARG A 824 -2.52 -31.34 -2.38
N ALA A 825 -2.42 -31.81 -3.63
CA ALA A 825 -1.73 -33.07 -3.93
C ALA A 825 -0.21 -32.92 -3.91
N VAL A 826 0.31 -31.69 -3.85
CA VAL A 826 1.73 -31.43 -4.07
C VAL A 826 2.28 -30.56 -2.95
N ASN A 827 1.38 -29.94 -2.19
CA ASN A 827 1.75 -29.00 -1.14
C ASN A 827 0.98 -29.29 0.13
N PRO A 828 1.61 -29.14 1.30
CA PRO A 828 0.94 -29.44 2.57
C PRO A 828 0.25 -28.26 3.24
N ASN A 829 0.26 -27.08 2.63
CA ASN A 829 -0.24 -25.88 3.27
C ASN A 829 -1.68 -25.55 2.91
N ILE A 830 -2.27 -26.25 1.93
CA ILE A 830 -3.64 -25.95 1.53
C ILE A 830 -4.59 -26.52 2.57
N ARG A 831 -5.46 -25.67 3.10
CA ARG A 831 -6.36 -26.06 4.17
C ARG A 831 -7.66 -26.63 3.61
N ASP A 832 -8.35 -27.42 4.44
CA ASP A 832 -9.65 -27.95 4.06
C ASP A 832 -10.62 -26.82 3.75
N ASP A 833 -10.66 -25.80 4.62
CA ASP A 833 -11.58 -24.68 4.45
C ASP A 833 -11.45 -24.05 3.07
N GLU A 834 -10.21 -23.93 2.57
CA GLU A 834 -9.98 -23.25 1.30
C GLU A 834 -10.75 -23.92 0.16
N LEU A 835 -10.54 -25.23 -0.03
CA LEU A 835 -11.21 -25.92 -1.13
C LEU A 835 -12.72 -25.90 -0.97
N THR A 836 -13.21 -26.07 0.27
CA THR A 836 -14.64 -25.97 0.53
C THR A 836 -15.18 -24.61 0.12
N ALA A 837 -14.45 -23.54 0.44
CA ALA A 837 -14.93 -22.19 0.13
C ALA A 837 -15.14 -22.01 -1.36
N ILE A 838 -14.17 -22.44 -2.17
CA ILE A 838 -14.28 -22.28 -3.62
C ILE A 838 -15.49 -23.05 -4.14
N GLU A 839 -15.63 -24.31 -3.71
CA GLU A 839 -16.76 -25.13 -4.13
C GLU A 839 -18.08 -24.47 -3.77
N SER A 840 -18.22 -24.03 -2.51
CA SER A 840 -19.45 -23.37 -2.09
C SER A 840 -19.71 -22.09 -2.88
N ASN A 841 -18.65 -21.37 -3.25
CA ASN A 841 -18.83 -20.12 -3.98
C ASN A 841 -19.24 -20.35 -5.42
N ARG A 842 -18.68 -21.39 -6.07
CA ARG A 842 -19.04 -21.67 -7.46
C ARG A 842 -20.52 -22.02 -7.58
N GLN A 843 -20.99 -22.93 -6.73
CA GLN A 843 -22.41 -23.31 -6.76
C GLN A 843 -23.31 -22.12 -6.48
N GLN A 844 -22.98 -21.35 -5.43
CA GLN A 844 -23.84 -20.24 -5.04
C GLN A 844 -23.90 -19.16 -6.12
N VAL A 845 -22.77 -18.91 -6.81
CA VAL A 845 -22.77 -17.88 -7.84
C VAL A 845 -23.65 -18.30 -9.02
N MET A 846 -23.41 -19.50 -9.55
CA MET A 846 -24.25 -20.01 -10.64
C MET A 846 -25.72 -20.05 -10.25
N GLU A 847 -26.01 -20.30 -8.97
CA GLU A 847 -27.39 -20.24 -8.51
C GLU A 847 -27.91 -18.80 -8.51
N SER A 848 -27.13 -17.87 -7.95
CA SER A 848 -27.54 -16.47 -7.96
C SER A 848 -27.64 -15.92 -9.38
N LEU A 849 -26.85 -16.46 -10.30
CA LEU A 849 -26.93 -16.03 -11.70
C LEU A 849 -28.17 -16.58 -12.40
N ASP A 850 -28.60 -17.80 -12.06
CA ASP A 850 -29.83 -18.35 -12.61
C ASP A 850 -31.08 -17.61 -12.12
N GLN A 851 -30.94 -16.72 -11.14
CA GLN A 851 -32.08 -16.00 -10.58
C GLN A 851 -32.00 -14.50 -10.82
N ALA A 852 -31.24 -14.07 -11.82
CA ALA A 852 -31.12 -12.65 -12.12
C ALA A 852 -32.35 -12.17 -12.88
N GLY A 853 -32.68 -10.90 -12.67
CA GLY A 853 -33.82 -10.28 -13.32
C GLY A 853 -33.45 -8.96 -13.98
N TRP A 854 -34.45 -8.37 -14.63
CA TRP A 854 -34.29 -7.07 -15.28
C TRP A 854 -35.32 -6.10 -14.74
N ARG A 855 -35.08 -4.81 -14.97
CA ARG A 855 -36.00 -3.77 -14.54
C ARG A 855 -35.76 -2.52 -15.40
N LEU A 856 -36.82 -1.76 -15.62
CA LEU A 856 -36.72 -0.48 -16.32
C LEU A 856 -36.27 0.57 -15.31
N ASP A 857 -35.03 1.05 -15.47
CA ASP A 857 -34.44 2.02 -14.56
C ASP A 857 -34.61 3.46 -15.04
N ALA A 858 -34.30 3.73 -16.30
CA ALA A 858 -34.37 5.08 -16.84
C ALA A 858 -35.19 5.08 -18.13
N LEU A 859 -35.70 6.26 -18.48
CA LEU A 859 -36.60 6.39 -19.63
C LEU A 859 -36.59 7.85 -20.07
N ARG A 860 -36.14 8.11 -21.30
CA ARG A 860 -36.18 9.44 -21.89
C ARG A 860 -37.05 9.42 -23.14
N LEU A 861 -38.05 10.31 -23.17
CA LEU A 861 -38.93 10.43 -24.32
C LEU A 861 -38.33 11.40 -25.32
N ILE A 862 -38.43 11.05 -26.61
CA ILE A 862 -37.90 11.85 -27.71
C ILE A 862 -39.05 12.23 -28.63
N VAL A 863 -39.10 13.51 -28.99
CA VAL A 863 -40.06 14.02 -29.97
C VAL A 863 -39.31 14.87 -30.97
N VAL A 864 -39.47 14.56 -32.25
CA VAL A 864 -38.78 15.29 -33.31
C VAL A 864 -39.58 16.53 -33.68
N THR A 865 -38.90 17.67 -33.70
CA THR A 865 -39.42 18.90 -34.24
C THR A 865 -38.50 19.40 -35.35
N HIS A 866 -39.04 20.26 -36.20
CA HIS A 866 -38.22 20.96 -37.20
C HIS A 866 -38.25 22.47 -36.98
N GLN A 867 -38.74 22.91 -35.83
CA GLN A 867 -38.80 24.32 -35.49
C GLN A 867 -37.42 24.79 -35.04
S SO4 B . 8.35 -2.40 6.35
O1 SO4 B . 8.23 -1.22 5.50
O2 SO4 B . 7.34 -2.33 7.41
O3 SO4 B . 8.13 -3.60 5.56
O4 SO4 B . 9.69 -2.45 6.95
S SO4 C . -12.81 -4.49 32.14
O1 SO4 C . -11.82 -3.55 31.60
O2 SO4 C . -14.07 -3.78 32.37
O3 SO4 C . -13.03 -5.57 31.18
O4 SO4 C . -12.30 -5.04 33.39
S SO4 D . -24.06 3.00 -25.98
O1 SO4 D . -24.73 3.77 -27.03
O2 SO4 D . -23.82 3.85 -24.83
O3 SO4 D . -22.79 2.50 -26.50
O4 SO4 D . -24.92 1.88 -25.61
S SO4 E . -2.49 0.78 26.32
O1 SO4 E . -1.91 2.00 25.72
O2 SO4 E . -3.62 1.14 27.16
O3 SO4 E . -1.49 0.11 27.13
O4 SO4 E . -2.93 -0.10 25.24
S SO4 F . -18.97 -6.04 30.70
O1 SO4 F . -19.58 -5.77 32.00
O2 SO4 F . -19.60 -5.20 29.67
O3 SO4 F . -19.17 -7.45 30.37
O4 SO4 F . -17.55 -5.73 30.74
S SO4 G . -0.83 14.90 15.56
O1 SO4 G . -0.83 16.27 16.07
O2 SO4 G . -1.53 14.85 14.29
O3 SO4 G . 0.56 14.46 15.37
O4 SO4 G . -1.50 14.02 16.51
S SO4 H . 5.85 11.80 8.38
O1 SO4 H . 5.05 12.95 8.03
O2 SO4 H . 6.34 11.99 9.74
O3 SO4 H . 6.99 11.66 7.46
O4 SO4 H . 5.03 10.60 8.30
S SO4 I . 14.85 -8.88 8.97
O1 SO4 I . 14.61 -7.88 7.93
O2 SO4 I . 14.64 -8.27 10.28
O3 SO4 I . 16.23 -9.36 8.86
O4 SO4 I . 13.93 -10.01 8.80
S SO4 J . 15.51 19.68 21.97
O1 SO4 J . 14.82 20.94 21.77
O2 SO4 J . 15.48 19.30 23.37
O3 SO4 J . 16.90 19.86 21.55
O4 SO4 J . 14.87 18.64 21.17
S SO4 K . -10.25 -10.29 35.74
O1 SO4 K . -10.45 -9.08 36.53
O2 SO4 K . -10.47 -9.99 34.33
O3 SO4 K . -11.20 -11.31 36.17
O4 SO4 K . -8.89 -10.78 35.93
CL CL L . -24.67 -8.15 1.86
CL CL M . 5.17 -0.35 23.40
CL CL N . 2.29 -6.96 19.66
CL CL O . 25.40 -5.57 0.25
CL CL P . -25.22 16.29 -20.93
#